data_7JQR
# 
_entry.id   7JQR 
# 
_audit_conform.dict_name       mmcif_pdbx.dic 
_audit_conform.dict_version    5.357 
_audit_conform.dict_location   http://mmcif.pdb.org/dictionaries/ascii/mmcif_pdbx.dic 
# 
loop_
_database_2.database_id 
_database_2.database_code 
_database_2.pdbx_database_accession 
_database_2.pdbx_DOI 
PDB   7JQR         pdb_00007jqr 10.2210/pdb7jqr/pdb 
WWPDB D_1000251232 ?            ?                   
# 
_pdbx_database_status.status_code                     REL 
_pdbx_database_status.status_code_sf                  REL 
_pdbx_database_status.status_code_mr                  ? 
_pdbx_database_status.entry_id                        7JQR 
_pdbx_database_status.recvd_initial_deposition_date   2020-08-11 
_pdbx_database_status.SG_entry                        N 
_pdbx_database_status.deposit_site                    RCSB 
_pdbx_database_status.process_site                    RCSB 
_pdbx_database_status.status_code_cs                  ? 
_pdbx_database_status.status_code_nmr_data            ? 
_pdbx_database_status.methods_development_category    ? 
_pdbx_database_status.pdb_format_compatible           Y 
# 
loop_
_audit_author.name 
_audit_author.pdbx_ordinal 
_audit_author.identifier_ORCID 
'Kreutzer, A.G.' 1 0000-0002-9724-6298 
'McKnelly, K.J.' 2 0000-0003-0063-6423 
'Nowick, J.S.'   3 0000-0002-2273-1029 
# 
_citation.abstract                  ? 
_citation.abstract_id_CAS           ? 
_citation.book_id_ISBN              ? 
_citation.book_publisher            ? 
_citation.book_publisher_city       ? 
_citation.book_title                ? 
_citation.coordinate_linkage        ? 
_citation.country                   US 
_citation.database_id_Medline       ? 
_citation.details                   ? 
_citation.id                        primary 
_citation.journal_abbrev            Biochemistry 
_citation.journal_id_ASTM           BICHAW 
_citation.journal_id_CSD            0033 
_citation.journal_id_ISSN           0006-2960 
_citation.journal_full              ? 
_citation.journal_issue             ? 
_citation.journal_volume            61 
_citation.language                  ? 
_citation.page_first                446 
_citation.page_last                 454 
_citation.title                     
;Effects of Familial Alzheimer's Disease Mutations on the Assembly of a beta-Hairpin Peptide Derived from A beta 16-36 .
;
_citation.year                      2022 
_citation.database_id_CSD           ? 
_citation.pdbx_database_id_DOI      10.1021/acs.biochem.1c00664 
_citation.pdbx_database_id_PubMed   35213141 
_citation.unpublished_flag          ? 
# 
loop_
_citation_author.citation_id 
_citation_author.name 
_citation_author.ordinal 
_citation_author.identifier_ORCID 
primary 'McKnelly, K.J.' 1 ? 
primary 'Kreutzer, A.G.' 2 ? 
primary 'Howitz, W.J.'   3 ? 
primary 'Haduong, K.'    4 ? 
primary 'Yoo, S.'        5 ? 
primary 'Hart, C.'       6 ? 
primary 'Nowick, J.S.'   7 ? 
# 
_cell.angle_alpha                  90.000 
_cell.angle_alpha_esd              ? 
_cell.angle_beta                   90.000 
_cell.angle_beta_esd               ? 
_cell.angle_gamma                  90.000 
_cell.angle_gamma_esd              ? 
_cell.entry_id                     7JQR 
_cell.details                      ? 
_cell.formula_units_Z              ? 
_cell.length_a                     47.219 
_cell.length_a_esd                 ? 
_cell.length_b                     47.219 
_cell.length_b_esd                 ? 
_cell.length_c                     47.219 
_cell.length_c_esd                 ? 
_cell.volume                       ? 
_cell.volume_esd                   ? 
_cell.Z_PDB                        24 
_cell.reciprocal_angle_alpha       ? 
_cell.reciprocal_angle_beta        ? 
_cell.reciprocal_angle_gamma       ? 
_cell.reciprocal_angle_alpha_esd   ? 
_cell.reciprocal_angle_beta_esd    ? 
_cell.reciprocal_angle_gamma_esd   ? 
_cell.reciprocal_length_a          ? 
_cell.reciprocal_length_b          ? 
_cell.reciprocal_length_c          ? 
_cell.reciprocal_length_a_esd      ? 
_cell.reciprocal_length_b_esd      ? 
_cell.reciprocal_length_c_esd      ? 
_cell.pdbx_unique_axis             ? 
# 
_symmetry.entry_id                         7JQR 
_symmetry.cell_setting                     ? 
_symmetry.Int_Tables_number                213 
_symmetry.space_group_name_Hall            ? 
_symmetry.space_group_name_H-M             'P 41 3 2' 
_symmetry.pdbx_full_space_group_name_H-M   ? 
# 
loop_
_entity.id 
_entity.type 
_entity.src_method 
_entity.pdbx_description 
_entity.formula_weight 
_entity.pdbx_number_of_molecules 
_entity.pdbx_ec 
_entity.pdbx_mutation 
_entity.pdbx_fragment 
_entity.details 
1 polymer     syn 'Abeta 16-36 beta-hairpin mimic VAL-ORN-LYS-LEU-VAL-MEA-PHE-ALA-GLY-ORN-ALA-ILE-ILE-GLY-LEU-MET' 1722.209 1  ? ? 
? ? 
2 non-polymer syn 'IODIDE ION'                                                                                     126.904  3  ? ? 
? ? 
3 water       nat water                                                                                            18.015   16 ? ? 
? ? 
# 
_entity_poly.entity_id                      1 
_entity_poly.type                           'polypeptide(L)' 
_entity_poly.nstd_linkage                   no 
_entity_poly.nstd_monomer                   yes 
_entity_poly.pdbx_seq_one_letter_code       'V(ORN)KLV(MEA)FAG(ORN)AIIGLM' 
_entity_poly.pdbx_seq_one_letter_code_can   VAKLVFFAGAAIIGLM 
_entity_poly.pdbx_strand_id                 A 
_entity_poly.pdbx_target_identifier         ? 
# 
loop_
_entity_poly_seq.entity_id 
_entity_poly_seq.num 
_entity_poly_seq.mon_id 
_entity_poly_seq.hetero 
1 1  VAL n 
1 2  ORN n 
1 3  LYS n 
1 4  LEU n 
1 5  VAL n 
1 6  MEA n 
1 7  PHE n 
1 8  ALA n 
1 9  GLY n 
1 10 ORN n 
1 11 ALA n 
1 12 ILE n 
1 13 ILE n 
1 14 GLY n 
1 15 LEU n 
1 16 MET n 
# 
_pdbx_entity_src_syn.entity_id              1 
_pdbx_entity_src_syn.pdbx_src_id            1 
_pdbx_entity_src_syn.pdbx_alt_source_flag   sample 
_pdbx_entity_src_syn.pdbx_beg_seq_num       1 
_pdbx_entity_src_syn.pdbx_end_seq_num       16 
_pdbx_entity_src_syn.organism_scientific    'Homo sapiens' 
_pdbx_entity_src_syn.organism_common_name   Human 
_pdbx_entity_src_syn.ncbi_taxonomy_id       9606 
_pdbx_entity_src_syn.details                ? 
# 
_struct_ref.id                         1 
_struct_ref.db_name                    PDB 
_struct_ref.db_code                    7JQR 
_struct_ref.pdbx_db_accession          7JQR 
_struct_ref.pdbx_db_isoform            ? 
_struct_ref.entity_id                  1 
_struct_ref.pdbx_seq_one_letter_code   ? 
_struct_ref.pdbx_align_begin           1 
# 
_struct_ref_seq.align_id                      1 
_struct_ref_seq.ref_id                        1 
_struct_ref_seq.pdbx_PDB_id_code              7JQR 
_struct_ref_seq.pdbx_strand_id                A 
_struct_ref_seq.seq_align_beg                 1 
_struct_ref_seq.pdbx_seq_align_beg_ins_code   ? 
_struct_ref_seq.seq_align_end                 16 
_struct_ref_seq.pdbx_seq_align_end_ins_code   ? 
_struct_ref_seq.pdbx_db_accession             7JQR 
_struct_ref_seq.db_align_beg                  1 
_struct_ref_seq.pdbx_db_align_beg_ins_code    ? 
_struct_ref_seq.db_align_end                  16 
_struct_ref_seq.pdbx_db_align_end_ins_code    ? 
_struct_ref_seq.pdbx_auth_seq_align_beg       1 
_struct_ref_seq.pdbx_auth_seq_align_end       16 
# 
loop_
_chem_comp.id 
_chem_comp.type 
_chem_comp.mon_nstd_flag 
_chem_comp.name 
_chem_comp.pdbx_synonyms 
_chem_comp.formula 
_chem_comp.formula_weight 
ALA 'L-peptide linking' y ALANINE               ? 'C3 H7 N O2'     89.093  
GLY 'peptide linking'   y GLYCINE               ? 'C2 H5 N O2'     75.067  
HOH non-polymer         . WATER                 ? 'H2 O'           18.015  
ILE 'L-peptide linking' y ISOLEUCINE            ? 'C6 H13 N O2'    131.173 
IOD non-polymer         . 'IODIDE ION'          ? 'I -1'           126.904 
LEU 'L-peptide linking' y LEUCINE               ? 'C6 H13 N O2'    131.173 
LYS 'L-peptide linking' y LYSINE                ? 'C6 H15 N2 O2 1' 147.195 
MEA 'L-peptide linking' n N-METHYLPHENYLALANINE ? 'C10 H13 N O2'   179.216 
MET 'L-peptide linking' y METHIONINE            ? 'C5 H11 N O2 S'  149.211 
ORN 'L-peptide linking' n L-ornithine           ? 'C5 H12 N2 O2'   132.161 
PHE 'L-peptide linking' y PHENYLALANINE         ? 'C9 H11 N O2'    165.189 
VAL 'L-peptide linking' y VALINE                ? 'C5 H11 N O2'    117.146 
# 
_exptl.absorpt_coefficient_mu     ? 
_exptl.absorpt_correction_T_max   ? 
_exptl.absorpt_correction_T_min   ? 
_exptl.absorpt_correction_type    ? 
_exptl.absorpt_process_details    ? 
_exptl.entry_id                   7JQR 
_exptl.crystals_number            1 
_exptl.details                    ? 
_exptl.method                     'X-RAY DIFFRACTION' 
_exptl.method_details             ? 
# 
_exptl_crystal.colour                      ? 
_exptl_crystal.density_diffrn              ? 
_exptl_crystal.density_Matthews            2.55 
_exptl_crystal.density_method              ? 
_exptl_crystal.density_percent_sol         51.71 
_exptl_crystal.description                 ? 
_exptl_crystal.F_000                       ? 
_exptl_crystal.id                          1 
_exptl_crystal.preparation                 ? 
_exptl_crystal.size_max                    ? 
_exptl_crystal.size_mid                    ? 
_exptl_crystal.size_min                    ? 
_exptl_crystal.size_rad                    ? 
_exptl_crystal.colour_lustre               ? 
_exptl_crystal.colour_modifier             ? 
_exptl_crystal.colour_primary              ? 
_exptl_crystal.density_meas                ? 
_exptl_crystal.density_meas_esd            ? 
_exptl_crystal.density_meas_gt             ? 
_exptl_crystal.density_meas_lt             ? 
_exptl_crystal.density_meas_temp           ? 
_exptl_crystal.density_meas_temp_esd       ? 
_exptl_crystal.density_meas_temp_gt        ? 
_exptl_crystal.density_meas_temp_lt        ? 
_exptl_crystal.pdbx_crystal_image_url      ? 
_exptl_crystal.pdbx_crystal_image_format   ? 
_exptl_crystal.pdbx_mosaicity              ? 
_exptl_crystal.pdbx_mosaicity_esd          ? 
# 
_exptl_crystal_grow.apparatus       ? 
_exptl_crystal_grow.atmosphere      ? 
_exptl_crystal_grow.crystal_id      1 
_exptl_crystal_grow.details         ? 
_exptl_crystal_grow.method          'VAPOR DIFFUSION, HANGING DROP' 
_exptl_crystal_grow.method_ref      ? 
_exptl_crystal_grow.pH              ? 
_exptl_crystal_grow.pressure        ? 
_exptl_crystal_grow.pressure_esd    ? 
_exptl_crystal_grow.seeding         ? 
_exptl_crystal_grow.seeding_ref     ? 
_exptl_crystal_grow.temp            297.15 
_exptl_crystal_grow.temp_details    ? 
_exptl_crystal_grow.temp_esd        ? 
_exptl_crystal_grow.time            ? 
_exptl_crystal_grow.pdbx_details    'calcium chloride, sodium acetate, isopropanol' 
_exptl_crystal_grow.pdbx_pH_range   ? 
# 
_diffrn.ambient_environment              ? 
_diffrn.ambient_temp                     123.15 
_diffrn.ambient_temp_details             ? 
_diffrn.ambient_temp_esd                 ? 
_diffrn.crystal_id                       1 
_diffrn.crystal_support                  ? 
_diffrn.crystal_treatment                ? 
_diffrn.details                          ? 
_diffrn.id                               1 
_diffrn.ambient_pressure                 ? 
_diffrn.ambient_pressure_esd             ? 
_diffrn.ambient_pressure_gt              ? 
_diffrn.ambient_pressure_lt              ? 
_diffrn.ambient_temp_gt                  ? 
_diffrn.ambient_temp_lt                  ? 
_diffrn.pdbx_serial_crystal_experiment   N 
# 
_diffrn_detector.details                      ? 
_diffrn_detector.detector                     CCD 
_diffrn_detector.diffrn_id                    1 
_diffrn_detector.type                         'RIGAKU SATURN 944+' 
_diffrn_detector.area_resol_mean              ? 
_diffrn_detector.dtime                        ? 
_diffrn_detector.pdbx_frames_total            ? 
_diffrn_detector.pdbx_collection_time_total   ? 
_diffrn_detector.pdbx_collection_date         2017-10-13 
_diffrn_detector.pdbx_frequency               ? 
# 
_diffrn_radiation.collimation                      ? 
_diffrn_radiation.diffrn_id                        1 
_diffrn_radiation.filter_edge                      ? 
_diffrn_radiation.inhomogeneity                    ? 
_diffrn_radiation.monochromator                    'Cu anode' 
_diffrn_radiation.polarisn_norm                    ? 
_diffrn_radiation.polarisn_ratio                   ? 
_diffrn_radiation.probe                            ? 
_diffrn_radiation.type                             ? 
_diffrn_radiation.xray_symbol                      ? 
_diffrn_radiation.wavelength_id                    1 
_diffrn_radiation.pdbx_monochromatic_or_laue_m_l   M 
_diffrn_radiation.pdbx_wavelength_list             ? 
_diffrn_radiation.pdbx_wavelength                  ? 
_diffrn_radiation.pdbx_diffrn_protocol             'SINGLE WAVELENGTH' 
_diffrn_radiation.pdbx_analyzer                    ? 
_diffrn_radiation.pdbx_scattering_type             x-ray 
# 
_diffrn_radiation_wavelength.id           1 
_diffrn_radiation_wavelength.wavelength   1.54 
_diffrn_radiation_wavelength.wt           1.0 
# 
_diffrn_source.current                     ? 
_diffrn_source.details                     ? 
_diffrn_source.diffrn_id                   1 
_diffrn_source.power                       ? 
_diffrn_source.size                        ? 
_diffrn_source.source                      'ROTATING ANODE' 
_diffrn_source.target                      ? 
_diffrn_source.type                        'RIGAKU MICROMAX-007 HF' 
_diffrn_source.voltage                     ? 
_diffrn_source.take-off_angle              ? 
_diffrn_source.pdbx_wavelength_list        1.54 
_diffrn_source.pdbx_wavelength             ? 
_diffrn_source.pdbx_synchrotron_beamline   ? 
_diffrn_source.pdbx_synchrotron_site       ? 
# 
_reflns.B_iso_Wilson_estimate            ? 
_reflns.entry_id                         7JQR 
_reflns.data_reduction_details           ? 
_reflns.data_reduction_method            ? 
_reflns.d_resolution_high                2.0700 
_reflns.d_resolution_low                 19.2800 
_reflns.details                          ? 
_reflns.limit_h_max                      ? 
_reflns.limit_h_min                      ? 
_reflns.limit_k_max                      ? 
_reflns.limit_k_min                      ? 
_reflns.limit_l_max                      ? 
_reflns.limit_l_min                      ? 
_reflns.number_all                       ? 
_reflns.number_obs                       2070 
_reflns.observed_criterion               ? 
_reflns.observed_criterion_F_max         ? 
_reflns.observed_criterion_F_min         ? 
_reflns.observed_criterion_I_max         ? 
_reflns.observed_criterion_I_min         ? 
_reflns.observed_criterion_sigma_F       ? 
_reflns.observed_criterion_sigma_I       ? 
_reflns.percent_possible_obs             99.37 
_reflns.R_free_details                   ? 
_reflns.Rmerge_F_all                     ? 
_reflns.Rmerge_F_obs                     ? 
_reflns.Friedel_coverage                 ? 
_reflns.number_gt                        ? 
_reflns.threshold_expression             ? 
_reflns.pdbx_redundancy                  90.7 
_reflns.pdbx_Rmerge_I_obs                0.01235 
_reflns.pdbx_Rmerge_I_all                ? 
_reflns.pdbx_Rsym_value                  ? 
_reflns.pdbx_netI_over_av_sigmaI         ? 
_reflns.pdbx_netI_over_sigmaI            65.87 
_reflns.pdbx_res_netI_over_av_sigmaI_2   ? 
_reflns.pdbx_res_netI_over_sigmaI_2      ? 
_reflns.pdbx_chi_squared                 ? 
_reflns.pdbx_scaling_rejects             ? 
_reflns.pdbx_d_res_high_opt              ? 
_reflns.pdbx_d_res_low_opt               ? 
_reflns.pdbx_d_res_opt_method            ? 
_reflns.phase_calculation_details        ? 
_reflns.pdbx_Rrim_I_all                  0.01747 
_reflns.pdbx_Rpim_I_all                  ? 
_reflns.pdbx_d_opt                       ? 
_reflns.pdbx_number_measured_all         ? 
_reflns.pdbx_diffrn_id                   1 
_reflns.pdbx_ordinal                     1 
_reflns.pdbx_CC_half                     1 
_reflns.pdbx_CC_star                     ? 
_reflns.pdbx_R_split                     ? 
# 
_reflns_shell.d_res_high                  2.075 
_reflns_shell.d_res_low                   2.149 
_reflns_shell.meanI_over_sigI_all         ? 
_reflns_shell.meanI_over_sigI_obs         ? 
_reflns_shell.number_measured_all         ? 
_reflns_shell.number_measured_obs         ? 
_reflns_shell.number_possible             ? 
_reflns_shell.number_unique_all           ? 
_reflns_shell.number_unique_obs           126 
_reflns_shell.percent_possible_all        100 
_reflns_shell.percent_possible_obs        ? 
_reflns_shell.Rmerge_F_all                ? 
_reflns_shell.Rmerge_F_obs                ? 
_reflns_shell.Rmerge_I_all                ? 
_reflns_shell.Rmerge_I_obs                ? 
_reflns_shell.meanI_over_sigI_gt          ? 
_reflns_shell.meanI_over_uI_all           ? 
_reflns_shell.meanI_over_uI_gt            ? 
_reflns_shell.number_measured_gt          ? 
_reflns_shell.number_unique_gt            ? 
_reflns_shell.percent_possible_gt         ? 
_reflns_shell.Rmerge_F_gt                 ? 
_reflns_shell.Rmerge_I_gt                 ? 
_reflns_shell.pdbx_redundancy             ? 
_reflns_shell.pdbx_Rsym_value             ? 
_reflns_shell.pdbx_chi_squared            ? 
_reflns_shell.pdbx_netI_over_sigmaI_all   ? 
_reflns_shell.pdbx_netI_over_sigmaI_obs   ? 
_reflns_shell.pdbx_Rrim_I_all             ? 
_reflns_shell.pdbx_Rpim_I_all             ? 
_reflns_shell.pdbx_rejects                ? 
_reflns_shell.pdbx_ordinal                1 
_reflns_shell.pdbx_diffrn_id              1 
_reflns_shell.pdbx_CC_half                0.999 
_reflns_shell.pdbx_CC_star                ? 
_reflns_shell.pdbx_R_split                ? 
# 
_refine.aniso_B[1][1]                            ? 
_refine.aniso_B[1][2]                            ? 
_refine.aniso_B[1][3]                            ? 
_refine.aniso_B[2][2]                            ? 
_refine.aniso_B[2][3]                            ? 
_refine.aniso_B[3][3]                            ? 
_refine.B_iso_max                                89.730 
_refine.B_iso_mean                               40.8307 
_refine.B_iso_min                                20.940 
_refine.correlation_coeff_Fo_to_Fc               ? 
_refine.correlation_coeff_Fo_to_Fc_free          ? 
_refine.details                                  ? 
_refine.diff_density_max                         ? 
_refine.diff_density_max_esd                     ? 
_refine.diff_density_min                         ? 
_refine.diff_density_min_esd                     ? 
_refine.diff_density_rms                         ? 
_refine.diff_density_rms_esd                     ? 
_refine.entry_id                                 7JQR 
_refine.pdbx_refine_id                           'X-RAY DIFFRACTION' 
_refine.ls_abs_structure_details                 ? 
_refine.ls_abs_structure_Flack                   ? 
_refine.ls_abs_structure_Flack_esd               ? 
_refine.ls_abs_structure_Rogers                  ? 
_refine.ls_abs_structure_Rogers_esd              ? 
_refine.ls_d_res_high                            2.0700 
_refine.ls_d_res_low                             19.2800 
_refine.ls_extinction_coef                       ? 
_refine.ls_extinction_coef_esd                   ? 
_refine.ls_extinction_expression                 ? 
_refine.ls_extinction_method                     ? 
_refine.ls_goodness_of_fit_all                   ? 
_refine.ls_goodness_of_fit_all_esd               ? 
_refine.ls_goodness_of_fit_obs                   ? 
_refine.ls_goodness_of_fit_obs_esd               ? 
_refine.ls_hydrogen_treatment                    ? 
_refine.ls_matrix_type                           ? 
_refine.ls_number_constraints                    ? 
_refine.ls_number_parameters                     ? 
_refine.ls_number_reflns_all                     ? 
_refine.ls_number_reflns_obs                     2070 
_refine.ls_number_reflns_R_free                  203 
_refine.ls_number_reflns_R_work                  1867 
_refine.ls_number_restraints                     ? 
_refine.ls_percent_reflns_obs                    99.7100 
_refine.ls_percent_reflns_R_free                 9.8100 
_refine.ls_R_factor_all                          ? 
_refine.ls_R_factor_obs                          0.2080 
_refine.ls_R_factor_R_free                       0.2541 
_refine.ls_R_factor_R_free_error                 ? 
_refine.ls_R_factor_R_free_error_details         ? 
_refine.ls_R_factor_R_work                       0.2029 
_refine.ls_R_Fsqd_factor_obs                     ? 
_refine.ls_R_I_factor_obs                        ? 
_refine.ls_redundancy_reflns_all                 ? 
_refine.ls_redundancy_reflns_obs                 ? 
_refine.ls_restrained_S_all                      ? 
_refine.ls_restrained_S_obs                      ? 
_refine.ls_shift_over_esd_max                    ? 
_refine.ls_shift_over_esd_mean                   ? 
_refine.ls_structure_factor_coef                 ? 
_refine.ls_weighting_details                     ? 
_refine.ls_weighting_scheme                      ? 
_refine.ls_wR_factor_all                         ? 
_refine.ls_wR_factor_obs                         ? 
_refine.ls_wR_factor_R_free                      ? 
_refine.ls_wR_factor_R_work                      ? 
_refine.occupancy_max                            ? 
_refine.occupancy_min                            ? 
_refine.solvent_model_details                    'FLAT BULK SOLVENT MODEL' 
_refine.solvent_model_param_bsol                 ? 
_refine.solvent_model_param_ksol                 ? 
_refine.pdbx_R_complete                          ? 
_refine.ls_R_factor_gt                           ? 
_refine.ls_goodness_of_fit_gt                    ? 
_refine.ls_goodness_of_fit_ref                   ? 
_refine.ls_shift_over_su_max                     ? 
_refine.ls_shift_over_su_max_lt                  ? 
_refine.ls_shift_over_su_mean                    ? 
_refine.ls_shift_over_su_mean_lt                 ? 
_refine.pdbx_ls_sigma_I                          ? 
_refine.pdbx_ls_sigma_F                          1.340 
_refine.pdbx_ls_sigma_Fsqd                       ? 
_refine.pdbx_data_cutoff_high_absF               ? 
_refine.pdbx_data_cutoff_high_rms_absF           ? 
_refine.pdbx_data_cutoff_low_absF                ? 
_refine.pdbx_isotropic_thermal_model             ? 
_refine.pdbx_ls_cross_valid_method               THROUGHOUT 
_refine.pdbx_method_to_determine_struct          SAD 
_refine.pdbx_starting_model                      ? 
_refine.pdbx_stereochemistry_target_values       ML 
_refine.pdbx_R_Free_selection_details            ? 
_refine.pdbx_stereochem_target_val_spec_case     ? 
_refine.pdbx_overall_ESU_R                       ? 
_refine.pdbx_overall_ESU_R_Free                  ? 
_refine.pdbx_solvent_vdw_probe_radii             1.1100 
_refine.pdbx_solvent_ion_probe_radii             ? 
_refine.pdbx_solvent_shrinkage_radii             0.9000 
_refine.pdbx_real_space_R                        ? 
_refine.pdbx_density_correlation                 ? 
_refine.pdbx_pd_number_of_powder_patterns        ? 
_refine.pdbx_pd_number_of_points                 ? 
_refine.pdbx_pd_meas_number_of_points            ? 
_refine.pdbx_pd_proc_ls_prof_R_factor            ? 
_refine.pdbx_pd_proc_ls_prof_wR_factor           ? 
_refine.pdbx_pd_Marquardt_correlation_coeff      ? 
_refine.pdbx_pd_Fsqrd_R_factor                   ? 
_refine.pdbx_pd_ls_matrix_band_width             ? 
_refine.pdbx_overall_phase_error                 19.9200 
_refine.pdbx_overall_SU_R_free_Cruickshank_DPI   ? 
_refine.pdbx_overall_SU_R_free_Blow_DPI          ? 
_refine.pdbx_overall_SU_R_Blow_DPI               ? 
_refine.pdbx_TLS_residual_ADP_flag               ? 
_refine.pdbx_diffrn_id                           1 
_refine.overall_SU_B                             ? 
_refine.overall_SU_ML                            0.0400 
_refine.overall_SU_R_Cruickshank_DPI             ? 
_refine.overall_SU_R_free                        ? 
_refine.overall_FOM_free_R_set                   ? 
_refine.overall_FOM_work_R_set                   ? 
_refine.pdbx_average_fsc_overall                 ? 
_refine.pdbx_average_fsc_work                    ? 
_refine.pdbx_average_fsc_free                    ? 
# 
_refine_hist.pdbx_refine_id                   'X-RAY DIFFRACTION' 
_refine_hist.cycle_id                         final 
_refine_hist.details                          ? 
_refine_hist.d_res_high                       2.0700 
_refine_hist.d_res_low                        19.2800 
_refine_hist.number_atoms_solvent             16 
_refine_hist.number_atoms_total               139 
_refine_hist.number_reflns_all                ? 
_refine_hist.number_reflns_obs                ? 
_refine_hist.number_reflns_R_free             ? 
_refine_hist.number_reflns_R_work             ? 
_refine_hist.R_factor_all                     ? 
_refine_hist.R_factor_obs                     ? 
_refine_hist.R_factor_R_free                  ? 
_refine_hist.R_factor_R_work                  ? 
_refine_hist.pdbx_number_residues_total       16 
_refine_hist.pdbx_B_iso_mean_ligand           81.87 
_refine_hist.pdbx_B_iso_mean_solvent          43.12 
_refine_hist.pdbx_number_atoms_protein        120 
_refine_hist.pdbx_number_atoms_nucleic_acid   0 
_refine_hist.pdbx_number_atoms_ligand         3 
_refine_hist.pdbx_number_atoms_lipid          ? 
_refine_hist.pdbx_number_atoms_carb           ? 
_refine_hist.pdbx_pseudo_atom_details         ? 
# 
_refine_ls_shell.pdbx_refine_id                   'X-RAY DIFFRACTION' 
_refine_ls_shell.d_res_high                       2.075 
_refine_ls_shell.d_res_low                        2.149 
_refine_ls_shell.number_reflns_all                2070 
_refine_ls_shell.number_reflns_obs                ? 
_refine_ls_shell.number_reflns_R_free             203 
_refine_ls_shell.number_reflns_R_work             1867 
_refine_ls_shell.percent_reflns_obs               100.0000 
_refine_ls_shell.percent_reflns_R_free            ? 
_refine_ls_shell.R_factor_all                     ? 
_refine_ls_shell.R_factor_obs                     ? 
_refine_ls_shell.R_factor_R_free                  0.2541 
_refine_ls_shell.R_factor_R_free_error            0.0000 
_refine_ls_shell.R_factor_R_work                  0.2381 
_refine_ls_shell.redundancy_reflns_all            ? 
_refine_ls_shell.redundancy_reflns_obs            ? 
_refine_ls_shell.wR_factor_all                    ? 
_refine_ls_shell.wR_factor_obs                    ? 
_refine_ls_shell.wR_factor_R_free                 ? 
_refine_ls_shell.wR_factor_R_work                 ? 
_refine_ls_shell.pdbx_R_complete                  ? 
_refine_ls_shell.pdbx_total_number_of_bins_used   1 
_refine_ls_shell.pdbx_phase_error                 ? 
_refine_ls_shell.pdbx_fsc_work                    ? 
_refine_ls_shell.pdbx_fsc_free                    ? 
# 
_struct.entry_id                     7JQR 
_struct.title                        'Abeta 16-36 beta-hairpin mimic with E22G Arctic mutation' 
_struct.pdbx_model_details           ? 
_struct.pdbx_formula_weight          ? 
_struct.pdbx_formula_weight_method   ? 
_struct.pdbx_model_type_details      ? 
_struct.pdbx_CASP_flag               N 
# 
_struct_keywords.entry_id        7JQR 
_struct_keywords.text            
;Alzheimer's disease, amyloid, Abeta, oligomer, familial mutant, DE NOVO PROTEIN
;
_struct_keywords.pdbx_keywords   'DE NOVO PROTEIN' 
# 
loop_
_struct_asym.id 
_struct_asym.pdbx_blank_PDB_chainid_flag 
_struct_asym.pdbx_modified 
_struct_asym.entity_id 
_struct_asym.details 
A N N 1 ? 
B N N 2 ? 
C N N 2 ? 
D N N 2 ? 
E N N 3 ? 
# 
loop_
_struct_conn.id 
_struct_conn.conn_type_id 
_struct_conn.pdbx_leaving_atom_flag 
_struct_conn.pdbx_PDB_id 
_struct_conn.ptnr1_label_asym_id 
_struct_conn.ptnr1_label_comp_id 
_struct_conn.ptnr1_label_seq_id 
_struct_conn.ptnr1_label_atom_id 
_struct_conn.pdbx_ptnr1_label_alt_id 
_struct_conn.pdbx_ptnr1_PDB_ins_code 
_struct_conn.pdbx_ptnr1_standard_comp_id 
_struct_conn.ptnr1_symmetry 
_struct_conn.ptnr2_label_asym_id 
_struct_conn.ptnr2_label_comp_id 
_struct_conn.ptnr2_label_seq_id 
_struct_conn.ptnr2_label_atom_id 
_struct_conn.pdbx_ptnr2_label_alt_id 
_struct_conn.pdbx_ptnr2_PDB_ins_code 
_struct_conn.ptnr1_auth_asym_id 
_struct_conn.ptnr1_auth_comp_id 
_struct_conn.ptnr1_auth_seq_id 
_struct_conn.ptnr2_auth_asym_id 
_struct_conn.ptnr2_auth_comp_id 
_struct_conn.ptnr2_auth_seq_id 
_struct_conn.ptnr2_symmetry 
_struct_conn.pdbx_ptnr3_label_atom_id 
_struct_conn.pdbx_ptnr3_label_seq_id 
_struct_conn.pdbx_ptnr3_label_comp_id 
_struct_conn.pdbx_ptnr3_label_asym_id 
_struct_conn.pdbx_ptnr3_label_alt_id 
_struct_conn.pdbx_ptnr3_PDB_ins_code 
_struct_conn.details 
_struct_conn.pdbx_dist_value 
_struct_conn.pdbx_value_order 
_struct_conn.pdbx_role 
covale1 covale both ? A VAL 1  C ? ? ? 1_555 A ORN 2  NE ? ? A VAL 1  A ORN 2  1_555 ? ? ? ? ? ? ? 1.376 ?    ? 
covale2 covale both ? A VAL 1  N ? ? ? 1_555 A MET 16 C  ? ? A VAL 1  A MET 16 1_555 ? ? ? ? ? ? ? 1.325 sing ? 
covale3 covale both ? A ORN 2  C ? ? ? 1_555 A LYS 3  N  ? ? A ORN 2  A LYS 3  1_555 ? ? ? ? ? ? ? 1.371 ?    ? 
covale4 covale both ? A VAL 5  C ? ? ? 1_555 A MEA 6  N  ? ? A VAL 5  A MEA 6  1_555 ? ? ? ? ? ? ? 1.336 ?    ? 
covale5 covale both ? A MEA 6  C ? ? ? 1_555 A PHE 7  N  ? ? A MEA 6  A PHE 7  1_555 ? ? ? ? ? ? ? 1.330 ?    ? 
covale6 covale both ? A GLY 9  C ? ? ? 1_555 A ORN 10 NE ? ? A GLY 9  A ORN 10 1_555 ? ? ? ? ? ? ? 1.379 ?    ? 
covale7 covale both ? A ORN 10 C ? ? ? 1_555 A ALA 11 N  ? ? A ORN 10 A ALA 11 1_555 ? ? ? ? ? ? ? 1.371 ?    ? 
# 
_struct_conn_type.id          covale 
_struct_conn_type.criteria    ? 
_struct_conn_type.reference   ? 
# 
_struct_sheet.id               AA1 
_struct_sheet.type             ? 
_struct_sheet.number_strands   2 
_struct_sheet.details          ? 
# 
_struct_sheet_order.sheet_id     AA1 
_struct_sheet_order.range_id_1   1 
_struct_sheet_order.range_id_2   2 
_struct_sheet_order.offset       ? 
_struct_sheet_order.sense        anti-parallel 
# 
loop_
_struct_sheet_range.sheet_id 
_struct_sheet_range.id 
_struct_sheet_range.beg_label_comp_id 
_struct_sheet_range.beg_label_asym_id 
_struct_sheet_range.beg_label_seq_id 
_struct_sheet_range.pdbx_beg_PDB_ins_code 
_struct_sheet_range.end_label_comp_id 
_struct_sheet_range.end_label_asym_id 
_struct_sheet_range.end_label_seq_id 
_struct_sheet_range.pdbx_end_PDB_ins_code 
_struct_sheet_range.beg_auth_comp_id 
_struct_sheet_range.beg_auth_asym_id 
_struct_sheet_range.beg_auth_seq_id 
_struct_sheet_range.end_auth_comp_id 
_struct_sheet_range.end_auth_asym_id 
_struct_sheet_range.end_auth_seq_id 
AA1 1 VAL A 5  ? PHE A 7  ? VAL A 5  PHE A 7  
AA1 2 ILE A 13 ? LEU A 15 ? ILE A 13 LEU A 15 
# 
_pdbx_struct_sheet_hbond.sheet_id                AA1 
_pdbx_struct_sheet_hbond.range_id_1              1 
_pdbx_struct_sheet_hbond.range_id_2              2 
_pdbx_struct_sheet_hbond.range_1_label_atom_id   N 
_pdbx_struct_sheet_hbond.range_1_label_comp_id   VAL 
_pdbx_struct_sheet_hbond.range_1_label_asym_id   A 
_pdbx_struct_sheet_hbond.range_1_label_seq_id    5 
_pdbx_struct_sheet_hbond.range_1_PDB_ins_code    ? 
_pdbx_struct_sheet_hbond.range_1_auth_atom_id    N 
_pdbx_struct_sheet_hbond.range_1_auth_comp_id    VAL 
_pdbx_struct_sheet_hbond.range_1_auth_asym_id    A 
_pdbx_struct_sheet_hbond.range_1_auth_seq_id     5 
_pdbx_struct_sheet_hbond.range_2_label_atom_id   O 
_pdbx_struct_sheet_hbond.range_2_label_comp_id   LEU 
_pdbx_struct_sheet_hbond.range_2_label_asym_id   A 
_pdbx_struct_sheet_hbond.range_2_label_seq_id    15 
_pdbx_struct_sheet_hbond.range_2_PDB_ins_code    ? 
_pdbx_struct_sheet_hbond.range_2_auth_atom_id    O 
_pdbx_struct_sheet_hbond.range_2_auth_comp_id    LEU 
_pdbx_struct_sheet_hbond.range_2_auth_asym_id    A 
_pdbx_struct_sheet_hbond.range_2_auth_seq_id     15 
# 
_atom_sites.entry_id                    7JQR 
_atom_sites.Cartn_transf_matrix[1][1]   ? 
_atom_sites.Cartn_transf_matrix[1][2]   ? 
_atom_sites.Cartn_transf_matrix[1][3]   ? 
_atom_sites.Cartn_transf_matrix[2][1]   ? 
_atom_sites.Cartn_transf_matrix[2][2]   ? 
_atom_sites.Cartn_transf_matrix[2][3]   ? 
_atom_sites.Cartn_transf_matrix[3][1]   ? 
_atom_sites.Cartn_transf_matrix[3][2]   ? 
_atom_sites.Cartn_transf_matrix[3][3]   ? 
_atom_sites.Cartn_transf_vector[1]      ? 
_atom_sites.Cartn_transf_vector[2]      ? 
_atom_sites.Cartn_transf_vector[3]      ? 
_atom_sites.fract_transf_matrix[1][1]   -0.00611558 
_atom_sites.fract_transf_matrix[1][2]   -0.00285943 
_atom_sites.fract_transf_matrix[1][3]   0.02007314 
_atom_sites.fract_transf_matrix[2][1]   0.00948203 
_atom_sites.fract_transf_matrix[2][2]   0.01812907 
_atom_sites.fract_transf_matrix[2][3]   0.00547134 
_atom_sites.fract_transf_matrix[3][1]   -0.01792201 
_atom_sites.fract_transf_matrix[3][2]   0.01056732 
_atom_sites.fract_transf_matrix[3][3]   -0.00395488 
_atom_sites.fract_transf_vector[1]      0.294934 
_atom_sites.fract_transf_vector[2]      0.296263 
_atom_sites.fract_transf_vector[3]      0.572301 
_atom_sites.solution_primary            ? 
_atom_sites.solution_secondary          ? 
_atom_sites.solution_hydrogens          ? 
_atom_sites.special_details             ? 
# 
loop_
_atom_type.symbol 
C 
H 
I 
N 
O 
S 
# 
loop_
_atom_site.group_PDB 
_atom_site.id 
_atom_site.type_symbol 
_atom_site.label_atom_id 
_atom_site.label_alt_id 
_atom_site.label_comp_id 
_atom_site.label_asym_id 
_atom_site.label_entity_id 
_atom_site.label_seq_id 
_atom_site.pdbx_PDB_ins_code 
_atom_site.Cartn_x 
_atom_site.Cartn_y 
_atom_site.Cartn_z 
_atom_site.occupancy 
_atom_site.B_iso_or_equiv 
_atom_site.pdbx_formal_charge 
_atom_site.auth_seq_id 
_atom_site.auth_comp_id 
_atom_site.auth_asym_id 
_atom_site.auth_atom_id 
_atom_site.pdbx_PDB_model_num 
ATOM   1   N N    . VAL A 1 1  ? -3.349  -6.362  -3.358 1.00 37.44 ? 1   VAL A N    1 
ATOM   2   C CA   . VAL A 1 1  ? -4.566  -6.847  -2.719 1.00 37.75 ? 1   VAL A CA   1 
ATOM   3   C C    . VAL A 1 1  ? -5.562  -7.232  -3.805 1.00 41.01 ? 1   VAL A C    1 
ATOM   4   O O    . VAL A 1 1  ? -6.146  -6.369  -4.462 1.00 37.46 ? 1   VAL A O    1 
ATOM   5   C CB   . VAL A 1 1  ? -5.160  -5.795  -1.765 1.00 34.81 ? 1   VAL A CB   1 
ATOM   6   C CG1  . VAL A 1 1  ? -6.463  -6.296  -1.159 1.00 44.83 ? 1   VAL A CG1  1 
ATOM   7   C CG2  . VAL A 1 1  ? -4.158  -5.447  -0.676 1.00 35.64 ? 1   VAL A CG2  1 
ATOM   8   H H1   . VAL A 1 1  ? -3.475  -5.695  -3.887 1.00 45.02 ? 1   VAL A H1   1 
ATOM   9   H HA   . VAL A 1 1  ? -4.366  -7.628  -2.180 1.00 45.40 ? 1   VAL A HA   1 
ATOM   10  H HB   . VAL A 1 1  ? -5.356  -4.989  -2.267 1.00 41.88 ? 1   VAL A HB   1 
ATOM   11  H HG11 . VAL A 1 1  ? -6.712  -5.717  -0.423 1.00 53.89 ? 1   VAL A HG11 1 
ATOM   12  H HG12 . VAL A 1 1  ? -7.155  -6.280  -1.841 1.00 53.89 ? 1   VAL A HG12 1 
ATOM   13  H HG13 . VAL A 1 1  ? -6.335  -7.202  -0.839 1.00 53.89 ? 1   VAL A HG13 1 
ATOM   14  H HG21 . VAL A 1 1  ? -4.572  -4.833  -0.049 1.00 42.86 ? 1   VAL A HG21 1 
ATOM   15  H HG22 . VAL A 1 1  ? -3.896  -6.260  -0.216 1.00 42.86 ? 1   VAL A HG22 1 
ATOM   16  H HG23 . VAL A 1 1  ? -3.381  -5.031  -1.082 1.00 42.86 ? 1   VAL A HG23 1 
HETATM 17  N N    . ORN A 1 2  ? -6.932  -7.928  -8.843 1.00 42.41 ? 2   ORN A N    1 
HETATM 18  C CA   . ORN A 1 2  ? -6.347  -7.265  -7.644 1.00 35.49 ? 2   ORN A CA   1 
HETATM 19  C CB   . ORN A 1 2  ? -5.294  -8.168  -6.988 1.00 38.59 ? 2   ORN A CB   1 
HETATM 20  C CG   . ORN A 1 2  ? -5.891  -9.417  -6.308 1.00 40.12 ? 2   ORN A CG   1 
HETATM 21  C CD   . ORN A 1 2  ? -6.656  -9.083  -5.011 1.00 43.42 ? 2   ORN A CD   1 
HETATM 22  N NE   . ORN A 1 2  ? -5.747  -8.582  -4.001 1.00 42.41 ? 2   ORN A NE   1 
HETATM 23  C C    . ORN A 1 2  ? -5.721  -5.914  -8.032 1.00 34.29 ? 2   ORN A C    1 
HETATM 24  O O    . ORN A 1 2  ? -5.583  -5.576  -9.209 1.00 32.48 ? 2   ORN A O    1 
HETATM 25  H H2   . ORN A 1 2  ? -7.480  -7.303  -9.438 1.00 50.99 ? 2   ORN A H2   1 
HETATM 26  H H    . ORN A 1 2  ? -6.236  -8.339  -9.471 1.00 50.99 ? 2   ORN A H    1 
HETATM 27  H HA   . ORN A 1 2  ? -7.182  -7.063  -6.967 1.00 42.68 ? 2   ORN A HA   1 
HETATM 28  H HB2  . ORN A 1 2  ? -4.765  -7.589  -6.217 1.00 46.40 ? 2   ORN A HB2  1 
HETATM 29  H HB3  . ORN A 1 2  ? -4.593  -8.511  -7.761 1.00 46.40 ? 2   ORN A HB3  1 
HETATM 30  H HG2  . ORN A 1 2  ? -5.081  -10.118 -6.074 1.00 48.24 ? 2   ORN A HG2  1 
HETATM 31  H HG3  . ORN A 1 2  ? -6.575  -9.912  -7.008 1.00 48.24 ? 2   ORN A HG3  1 
HETATM 32  H HD2  . ORN A 1 2  ? -7.408  -8.318  -5.227 1.00 52.20 ? 2   ORN A HD2  1 
HETATM 33  H HD3  . ORN A 1 2  ? -7.142  -9.989  -4.639 1.00 52.20 ? 2   ORN A HD3  1 
HETATM 34  H HE1  . ORN A 1 2  ? -5.256  -9.290  -3.458 1.00 50.99 ? 2   ORN A HE1  1 
ATOM   35  N N    . LYS A 1 3  ? -5.338  -5.118  -6.983 1.00 33.65 ? 3   LYS A N    1 
ATOM   36  C CA   . LYS A 1 3  ? -4.745  -3.809  -7.202 1.00 30.83 ? 3   LYS A CA   1 
ATOM   37  C C    . LYS A 1 3  ? -3.532  -3.585  -6.316 1.00 30.13 ? 3   LYS A C    1 
ATOM   38  O O    . LYS A 1 3  ? -3.349  -4.264  -5.306 1.00 30.17 ? 3   LYS A O    1 
ATOM   39  C CB   . LYS A 1 3  ? -5.779  -2.710  -6.941 1.00 34.11 ? 3   LYS A CB   1 
ATOM   40  C CG   . LYS A 1 3  ? -6.864  -2.618  -8.009 1.00 36.30 ? 3   LYS A CG   1 
ATOM   41  C CD   . LYS A 1 3  ? -8.207  -3.071  -7.475 1.00 50.72 ? 3   LYS A CD   1 
ATOM   42  C CE   . LYS A 1 3  ? -9.238  -3.218  -8.588 1.00 43.03 ? 3   LYS A CE   1 
ATOM   43  N NZ   . LYS A 1 3  ? -9.135  -4.530  -9.293 1.00 42.57 ? 3   LYS A NZ   1 
ATOM   44  H H    . LYS A 1 3  ? -5.422  -5.333  -6.154 1.00 40.47 ? 3   LYS A H    1 
ATOM   45  H HA   . LYS A 1 3  ? -4.450  -3.753  -8.124 1.00 37.10 ? 3   LYS A HA   1 
ATOM   46  H HB2  . LYS A 1 3  ? -6.215  -2.888  -6.093 1.00 41.03 ? 3   LYS A HB2  1 
ATOM   47  H HB3  . LYS A 1 3  ? -5.324  -1.855  -6.908 1.00 41.03 ? 3   LYS A HB3  1 
ATOM   48  H HG2  . LYS A 1 3  ? -6.947  -1.697  -8.303 1.00 43.66 ? 3   LYS A HG2  1 
ATOM   49  H HG3  . LYS A 1 3  ? -6.626  -3.185  -8.759 1.00 43.66 ? 3   LYS A HG3  1 
ATOM   50  H HD2  . LYS A 1 3  ? -8.105  -3.932  -7.040 1.00 60.96 ? 3   LYS A HD2  1 
ATOM   51  H HD3  . LYS A 1 3  ? -8.536  -2.416  -6.840 1.00 60.96 ? 3   LYS A HD3  1 
ATOM   52  H HE2  . LYS A 1 3  ? -10.127 -3.149  -8.208 1.00 51.74 ? 3   LYS A HE2  1 
ATOM   53  H HE3  . LYS A 1 3  ? -9.100  -2.514  -9.242 1.00 51.74 ? 3   LYS A HE3  1 
ATOM   54  H HZ1  . LYS A 1 3  ? -9.754  -4.581  -9.931 1.00 51.19 ? 3   LYS A HZ1  1 
ATOM   55  H HZ2  . LYS A 1 3  ? -8.330  -4.614  -9.663 1.00 51.19 ? 3   LYS A HZ2  1 
ATOM   56  H HZ3  . LYS A 1 3  ? -9.259  -5.195  -8.715 1.00 51.19 ? 3   LYS A HZ3  1 
ATOM   57  N N    . LEU A 1 4  ? -2.694  -2.631  -6.707 1.00 28.82 ? 4   LEU A N    1 
ATOM   58  C CA   . LEU A 1 4  ? -1.616  -2.176  -5.843 1.00 28.19 ? 4   LEU A CA   1 
ATOM   59  C C    . LEU A 1 4  ? -2.193  -1.167  -4.859 1.00 26.69 ? 4   LEU A C    1 
ATOM   60  O O    . LEU A 1 4  ? -2.693  -0.111  -5.264 1.00 26.64 ? 4   LEU A O    1 
ATOM   61  C CB   . LEU A 1 4  ? -0.485  -1.561  -6.665 1.00 26.82 ? 4   LEU A CB   1 
ATOM   62  C CG   . LEU A 1 4  ? 0.703   -1.023  -5.857 1.00 32.52 ? 4   LEU A CG   1 
ATOM   63  C CD1  . LEU A 1 4  ? 1.386   -2.144  -5.092 1.00 31.47 ? 4   LEU A CD1  1 
ATOM   64  C CD2  . LEU A 1 4  ? 1.699   -0.312  -6.763 1.00 31.95 ? 4   LEU A CD2  1 
ATOM   65  H H    . LEU A 1 4  ? -2.731  -2.233  -7.468 1.00 34.69 ? 4   LEU A H    1 
ATOM   66  H HA   . LEU A 1 4  ? -1.239  -2.923  -5.352 1.00 33.93 ? 4   LEU A HA   1 
ATOM   67  H HB2  . LEU A 1 4  ? -0.142  -2.241  -7.266 1.00 32.28 ? 4   LEU A HB2  1 
ATOM   68  H HB3  . LEU A 1 4  ? -0.848  -0.820  -7.174 1.00 32.28 ? 4   LEU A HB3  1 
ATOM   69  H HG   . LEU A 1 4  ? 0.370   -0.377  -5.215 1.00 39.12 ? 4   LEU A HG   1 
ATOM   70  H HD11 . LEU A 1 4  ? 2.188   -1.796  -4.673 1.00 37.86 ? 4   LEU A HD11 1 
ATOM   71  H HD12 . LEU A 1 4  ? 0.778   -2.480  -4.415 1.00 37.86 ? 4   LEU A HD12 1 
ATOM   72  H HD13 . LEU A 1 4  ? 1.617   -2.854  -5.711 1.00 37.86 ? 4   LEU A HD13 1 
ATOM   73  H HD21 . LEU A 1 4  ? 2.420   0.042   -6.221 1.00 38.44 ? 4   LEU A HD21 1 
ATOM   74  H HD22 . LEU A 1 4  ? 2.049   -0.949  -7.406 1.00 38.44 ? 4   LEU A HD22 1 
ATOM   75  H HD23 . LEU A 1 4  ? 1.246   0.410   -7.225 1.00 38.44 ? 4   LEU A HD23 1 
ATOM   76  N N    . VAL A 1 5  ? -2.142  -1.500  -3.575 1.00 25.98 ? 5   VAL A N    1 
ATOM   77  C CA   . VAL A 1 5  ? -2.767  -0.684  -2.543 1.00 25.61 ? 5   VAL A CA   1 
ATOM   78  C C    . VAL A 1 5  ? -1.672  0.045   -1.765 1.00 26.60 ? 5   VAL A C    1 
ATOM   79  O O    . VAL A 1 5  ? -0.745  -0.605  -1.287 1.00 25.67 ? 5   VAL A O    1 
ATOM   80  C CB   . VAL A 1 5  ? -3.639  -1.559  -1.613 1.00 28.45 ? 5   VAL A CB   1 
ATOM   81  C CG1  . VAL A 1 5  ? -4.225  -0.748  -0.464 1.00 26.61 ? 5   VAL A CG1  1 
ATOM   82  C CG2  . VAL A 1 5  ? -4.753  -2.233  -2.406 1.00 30.11 ? 5   VAL A CG2  1 
ATOM   83  H H    . VAL A 1 5  ? -1.746  -2.201  -3.272 1.00 31.27 ? 5   VAL A H    1 
ATOM   84  H HA   . VAL A 1 5  ? -3.353  -0.022  -2.943 1.00 30.83 ? 5   VAL A HA   1 
ATOM   85  H HB   . VAL A 1 5  ? -3.071  -2.243  -1.226 1.00 34.23 ? 5   VAL A HB   1 
ATOM   86  H HG11 . VAL A 1 5  ? -4.774  -1.330  0.085  1.00 32.03 ? 5   VAL A HG11 1 
ATOM   87  H HG12 . VAL A 1 5  ? -3.500  -0.381  0.065  1.00 32.03 ? 5   VAL A HG12 1 
ATOM   88  H HG13 . VAL A 1 5  ? -4.766  -0.030  -0.828 1.00 32.03 ? 5   VAL A HG13 1 
ATOM   89  H HG21 . VAL A 1 5  ? -5.299  -2.758  -1.800 1.00 36.23 ? 5   VAL A HG21 1 
ATOM   90  H HG22 . VAL A 1 5  ? -5.295  -1.550  -2.832 1.00 36.23 ? 5   VAL A HG22 1 
ATOM   91  H HG23 . VAL A 1 5  ? -4.358  -2.809  -3.079 1.00 36.23 ? 5   VAL A HG23 1 
HETATM 92  C C1   . MEA A 1 6  ? -3.004  2.049   -1.526 1.00 30.55 ? 6   MEA A C1   1 
HETATM 93  N N    . MEA A 1 6  ? -1.758  1.372   -1.634 1.00 25.49 ? 6   MEA A N    1 
HETATM 94  C CA   . MEA A 1 6  ? -0.737  2.085   -0.886 1.00 23.46 ? 6   MEA A CA   1 
HETATM 95  C C    . MEA A 1 6  ? -1.245  2.369   0.554  1.00 23.66 ? 6   MEA A C    1 
HETATM 96  O O    . MEA A 1 6  ? -2.009  3.330   0.785  1.00 26.75 ? 6   MEA A O    1 
HETATM 97  C CB   . MEA A 1 6  ? -0.339  3.345   -1.528 1.00 27.86 ? 6   MEA A CB   1 
HETATM 98  C CG   . MEA A 1 6  ? 0.521   3.057   -2.771 1.00 26.08 ? 6   MEA A CG   1 
HETATM 99  C CD1  . MEA A 1 6  ? 0.005   3.268   -4.043 1.00 35.63 ? 6   MEA A CD1  1 
HETATM 100 C CE1  . MEA A 1 6  ? 0.791   3.009   -5.163 1.00 32.99 ? 6   MEA A CE1  1 
HETATM 101 C CZ   . MEA A 1 6  ? 2.096   2.543   -5.008 1.00 30.04 ? 6   MEA A CZ   1 
HETATM 102 C CE2  . MEA A 1 6  ? 2.619   2.333   -3.727 1.00 33.98 ? 6   MEA A CE2  1 
HETATM 103 C CD2  . MEA A 1 6  ? 1.844   2.589   -2.615 1.00 31.84 ? 6   MEA A CD2  1 
HETATM 104 H HC1  . MEA A 1 6  ? -3.490  1.723   -0.720 1.00 36.76 ? 6   MEA A HC1  1 
HETATM 105 H HC2  . MEA A 1 6  ? -3.551  1.871   -2.337 1.00 36.76 ? 6   MEA A HC2  1 
HETATM 106 H HC3  . MEA A 1 6  ? -2.844  3.028   -1.442 1.00 36.76 ? 6   MEA A HC3  1 
HETATM 107 H HA   . MEA A 1 6  ? 0.066   1.507   -0.860 1.00 28.25 ? 6   MEA A HA   1 
HETATM 108 H HB1  . MEA A 1 6  ? 0.181   3.886   -0.890 1.00 33.53 ? 6   MEA A HB1  1 
HETATM 109 H HB2  . MEA A 1 6  ? -1.146  3.842   -1.799 1.00 33.53 ? 6   MEA A HB2  1 
HETATM 110 H HD1  . MEA A 1 6  ? -0.903  3.595   -4.150 1.00 42.85 ? 6   MEA A HD1  1 
HETATM 111 H HE1  . MEA A 1 6  ? 0.426   3.154   -6.067 1.00 39.69 ? 6   MEA A HE1  1 
HETATM 112 H HZ   . MEA A 1 6  ? 2.655   2.362   -5.808 1.00 36.15 ? 6   MEA A HZ   1 
HETATM 113 H HE2  . MEA A 1 6  ? 3.521   2.010   -3.622 1.00 40.87 ? 6   MEA A HE2  1 
HETATM 114 H HD2  . MEA A 1 6  ? 2.397   2.382   -1.832 1.00 38.30 ? 6   MEA A HD2  1 
ATOM   115 N N    . PHE A 1 7  ? -0.826  1.528   1.494  1.00 23.87 ? 7   PHE A N    1 
ATOM   116 C CA   . PHE A 1 7  ? -1.167  1.699   2.903  1.00 25.65 ? 7   PHE A CA   1 
ATOM   117 C C    . PHE A 1 7  ? -0.336  2.819   3.509  1.00 27.72 ? 7   PHE A C    1 
ATOM   118 O O    . PHE A 1 7  ? 0.876   2.875   3.312  1.00 26.66 ? 7   PHE A O    1 
ATOM   119 C CB   . PHE A 1 7  ? -0.927  0.403   3.679  1.00 25.76 ? 7   PHE A CB   1 
ATOM   120 C CG   . PHE A 1 7  ? -1.807  -0.737  3.256  1.00 26.25 ? 7   PHE A CG   1 
ATOM   121 C CD1  . PHE A 1 7  ? -1.431  -1.575  2.221  1.00 29.25 ? 7   PHE A CD1  1 
ATOM   122 C CD2  . PHE A 1 7  ? -3.007  -0.981  3.906  1.00 32.24 ? 7   PHE A CD2  1 
ATOM   123 C CE1  . PHE A 1 7  ? -2.237  -2.632  1.837  1.00 26.83 ? 7   PHE A CE1  1 
ATOM   124 C CE2  . PHE A 1 7  ? -3.815  -2.034  3.524  1.00 33.89 ? 7   PHE A CE2  1 
ATOM   125 C CZ   . PHE A 1 7  ? -3.432  -2.858  2.489  1.00 28.06 ? 7   PHE A CZ   1 
ATOM   126 H H    . PHE A 1 7  ? -0.336  0.838   1.339  1.00 28.74 ? 7   PHE A H    1 
ATOM   127 H HA   . PHE A 1 7  ? -2.107  1.924   2.981  1.00 30.88 ? 7   PHE A HA   1 
ATOM   128 H HB2  . PHE A 1 7  ? -0.006  0.129   3.548  1.00 31.01 ? 7   PHE A HB2  1 
ATOM   129 H HB3  . PHE A 1 7  ? -1.092  0.570   4.621  1.00 31.01 ? 7   PHE A HB3  1 
ATOM   130 H HD1  . PHE A 1 7  ? -0.627  -1.425  1.777  1.00 35.20 ? 7   PHE A HD1  1 
ATOM   131 H HD2  . PHE A 1 7  ? -3.270  -0.429  4.606  1.00 38.79 ? 7   PHE A HD2  1 
ATOM   132 H HE1  . PHE A 1 7  ? -1.973  -3.189  1.141  1.00 32.30 ? 7   PHE A HE1  1 
ATOM   133 H HE2  . PHE A 1 7  ? -4.620  -2.187  3.966  1.00 40.77 ? 7   PHE A HE2  1 
ATOM   134 H HZ   . PHE A 1 7  ? -3.977  -3.565  2.231  1.00 33.77 ? 7   PHE A HZ   1 
ATOM   135 N N    . ALA A 1 8  ? -0.984  3.710   4.251  1.00 33.03 ? 8   ALA A N    1 
ATOM   136 C CA   . ALA A 1 8  ? -0.314  4.838   4.876  1.00 39.44 ? 8   ALA A CA   1 
ATOM   137 C C    . ALA A 1 8  ? -0.677  4.887   6.354  1.00 49.08 ? 8   ALA A C    1 
ATOM   138 O O    . ALA A 1 8  ? -1.503  4.111   6.842  1.00 49.65 ? 8   ALA A O    1 
ATOM   139 C CB   . ALA A 1 8  ? -0.686  6.159   4.187  1.00 40.48 ? 8   ALA A CB   1 
ATOM   140 H H    . ALA A 1 8  ? -1.829  3.679   4.409  1.00 39.74 ? 8   ALA A H    1 
ATOM   141 H HA   . ALA A 1 8  ? 0.646   4.721   4.807  1.00 47.42 ? 8   ALA A HA   1 
ATOM   142 H HB1  . ALA A 1 8  ? -0.218  6.887   4.626  1.00 48.67 ? 8   ALA A HB1  1 
ATOM   143 H HB2  . ALA A 1 8  ? -0.423  6.113   3.254  1.00 48.67 ? 8   ALA A HB2  1 
ATOM   144 H HB3  . ALA A 1 8  ? -1.644  6.293   4.255  1.00 48.67 ? 8   ALA A HB3  1 
ATOM   145 N N    . GLY A 1 9  ? -0.044  5.814   7.066  1.00 58.90 ? 9   GLY A N    1 
ATOM   146 C CA   . GLY A 1 9  ? -0.249  5.955   8.496  1.00 72.65 ? 9   GLY A CA   1 
ATOM   147 C C    . GLY A 1 9  ? 0.943   5.528   9.334  1.00 71.62 ? 9   GLY A C    1 
ATOM   148 O O    . GLY A 1 9  ? 0.874   5.545   10.563 1.00 76.66 ? 9   GLY A O    1 
ATOM   149 H H    . GLY A 1 9  ? 0.515   6.378   6.737  1.00 70.77 ? 9   GLY A H    1 
ATOM   150 H HA2  . GLY A 1 9  ? -0.439  6.885   8.696  1.00 87.28 ? 9   GLY A HA2  1 
ATOM   151 H HA3  . GLY A 1 9  ? -1.009  5.413   8.759  1.00 87.28 ? 9   GLY A HA3  1 
HETATM 152 N N    . ORN A 1 10 ? 5.769   8.853   8.101  1.00 55.75 ? 10  ORN A N    1 
HETATM 153 C CA   . ORN A 1 10 ? 5.826   7.373   8.030  1.00 53.93 ? 10  ORN A CA   1 
HETATM 154 C CB   . ORN A 1 10 ? 4.626   6.756   8.772  1.00 58.65 ? 10  ORN A CB   1 
HETATM 155 C CG   . ORN A 1 10 ? 4.515   5.222   8.664  1.00 52.69 ? 10  ORN A CG   1 
HETATM 156 C CD   . ORN A 1 10 ? 3.264   4.710   9.369  1.00 63.73 ? 10  ORN A CD   1 
HETATM 157 N NE   . ORN A 1 10 ? 2.076   5.132   8.656  1.00 61.87 ? 10  ORN A NE   1 
HETATM 158 C C    . ORN A 1 10 ? 5.845   6.919   6.550  1.00 46.67 ? 10  ORN A C    1 
HETATM 159 O O    . ORN A 1 10 ? 5.322   7.587   5.656  1.00 45.34 ? 10  ORN A O    1 
HETATM 160 H H2   . ORN A 1 10 ? 4.853   9.246   7.865  1.00 67.00 ? 10  ORN A H2   1 
HETATM 161 H H    . ORN A 1 10 ? 5.980   9.233   9.027  1.00 67.00 ? 10  ORN A H    1 
HETATM 162 H HA   . ORN A 1 10 ? 6.773   7.068   8.484  1.00 64.81 ? 10  ORN A HA   1 
HETATM 163 H HB2  . ORN A 1 10 ? 4.714   7.005   9.839  1.00 70.48 ? 10  ORN A HB2  1 
HETATM 164 H HB3  . ORN A 1 10 ? 3.703   7.182   8.353  1.00 70.48 ? 10  ORN A HB3  1 
HETATM 165 H HG2  . ORN A 1 10 ? 5.401   4.760   9.114  1.00 63.33 ? 10  ORN A HG2  1 
HETATM 166 H HG3  . ORN A 1 10 ? 4.483   4.932   7.608  1.00 63.33 ? 10  ORN A HG3  1 
HETATM 167 H HD2  . ORN A 1 10 ? 3.234   5.116   10.385 1.00 76.58 ? 10  ORN A HD2  1 
HETATM 168 H HD3  . ORN A 1 10 ? 3.293   3.617   9.402  1.00 76.58 ? 10  ORN A HD3  1 
HETATM 169 H HE1  . ORN A 1 10 ? 2.151   5.112   7.644  1.00 74.34 ? 10  ORN A HE1  1 
ATOM   170 N N    . ALA A 1 11 ? 6.491   5.734   6.306  1.00 38.44 ? 11  ALA A N    1 
ATOM   171 C CA   . ALA A 1 11 ? 6.592   5.185   4.963  1.00 38.44 ? 11  ALA A CA   1 
ATOM   172 C C    . ALA A 1 11 ? 5.229   4.742   4.447  1.00 37.37 ? 11  ALA A C    1 
ATOM   173 O O    . ALA A 1 11 ? 4.370   4.304   5.214  1.00 33.40 ? 11  ALA A O    1 
ATOM   174 C CB   . ALA A 1 11 ? 7.564   4.015   4.944  1.00 36.15 ? 11  ALA A CB   1 
ATOM   175 H H    . ALA A 1 11 ? 6.866   5.252   6.911  1.00 46.23 ? 11  ALA A H    1 
ATOM   176 H HA   . ALA A 1 11 ? 6.931   5.873   4.370  1.00 46.22 ? 11  ALA A HA   1 
ATOM   177 H HB1  . ALA A 1 11 ? 7.642   3.683   4.035  1.00 43.48 ? 11  ALA A HB1  1 
ATOM   178 H HB2  . ALA A 1 11 ? 8.431   4.318   5.260  1.00 43.48 ? 11  ALA A HB2  1 
ATOM   179 H HB3  . ALA A 1 11 ? 7.228   3.314   5.523  1.00 43.48 ? 11  ALA A HB3  1 
ATOM   180 N N    . ILE A 1 12 ? 5.045   4.875   3.138  1.00 29.16 ? 12  ILE A N    1 
ATOM   181 C CA   . ILE A 1 12 ? 3.925   4.256   2.445  1.00 27.88 ? 12  ILE A CA   1 
ATOM   182 C C    . ILE A 1 12 ? 4.314   2.824   2.104  1.00 26.33 ? 12  ILE A C    1 
ATOM   183 O O    . ILE A 1 12 ? 5.451   2.560   1.699  1.00 28.42 ? 12  ILE A O    1 
ATOM   184 C CB   . ILE A 1 12 ? 3.562   5.044   1.172  1.00 32.48 ? 12  ILE A CB   1 
ATOM   185 C CG1  . ILE A 1 12 ? 3.573   6.560   1.426  1.00 36.40 ? 12  ILE A CG1  1 
ATOM   186 C CG2  . ILE A 1 12 ? 2.221   4.580   0.631  1.00 33.61 ? 12  ILE A CG2  1 
ATOM   187 C CD1  . ILE A 1 12 ? 2.325   7.094   2.084  1.00 35.49 ? 12  ILE A CD1  1 
ATOM   188 H H    . ILE A 1 12 ? 5.563   5.327   2.622  1.00 35.09 ? 12  ILE A H    1 
ATOM   189 H HA   . ILE A 1 12 ? 3.147   4.254   3.024  1.00 33.56 ? 12  ILE A HA   1 
ATOM   190 H HB   . ILE A 1 12 ? 4.241   4.867   0.503  1.00 39.07 ? 12  ILE A HB   1 
ATOM   191 H HG12 . ILE A 1 12 ? 4.322   6.771   2.005  1.00 43.77 ? 12  ILE A HG12 1 
ATOM   192 H HG13 . ILE A 1 12 ? 3.672   7.016   0.576  1.00 43.77 ? 12  ILE A HG13 1 
ATOM   193 H HG21 . ILE A 1 12 ? 1.985   5.122   -0.137 1.00 40.44 ? 12  ILE A HG21 1 
ATOM   194 H HG22 . ILE A 1 12 ? 2.292   3.648   0.370  1.00 40.44 ? 12  ILE A HG22 1 
ATOM   195 H HG23 . ILE A 1 12 ? 1.549   4.677   1.325  1.00 40.44 ? 12  ILE A HG23 1 
ATOM   196 H HD11 . ILE A 1 12 ? 2.449   8.035   2.282  1.00 42.69 ? 12  ILE A HD11 1 
ATOM   197 H HD12 . ILE A 1 12 ? 1.575   6.979   1.480  1.00 42.69 ? 12  ILE A HD12 1 
ATOM   198 H HD13 . ILE A 1 12 ? 2.166   6.601   2.905  1.00 42.69 ? 12  ILE A HD13 1 
ATOM   199 N N    . ILE A 1 13 ? 3.374   1.894   2.254  1.00 22.78 ? 13  ILE A N    1 
ATOM   200 C CA   . ILE A 1 13 ? 3.631   0.476   2.014  1.00 23.08 ? 13  ILE A CA   1 
ATOM   201 C C    . ILE A 1 13 ? 2.698   0.016   0.902  1.00 25.33 ? 13  ILE A C    1 
ATOM   202 O O    . ILE A 1 13 ? 1.478   -0.079  1.098  1.00 22.79 ? 13  ILE A O    1 
ATOM   203 C CB   . ILE A 1 13 ? 3.451   -0.362  3.286  1.00 26.64 ? 13  ILE A CB   1 
ATOM   204 C CG1  . ILE A 1 13 ? 4.447   0.105   4.352  1.00 32.27 ? 13  ILE A CG1  1 
ATOM   205 C CG2  . ILE A 1 13 ? 3.665   -1.835  2.985  1.00 27.73 ? 13  ILE A CG2  1 
ATOM   206 C CD1  . ILE A 1 13 ? 4.160   -0.420  5.740  1.00 37.42 ? 13  ILE A CD1  1 
ATOM   207 H H    . ILE A 1 13 ? 2.567   2.064   2.499  1.00 27.44 ? 13  ILE A H    1 
ATOM   208 H HA   . ILE A 1 13 ? 4.542   0.362   1.700  1.00 27.80 ? 13  ILE A HA   1 
ATOM   209 H HB   . ILE A 1 13 ? 2.546   -0.241  3.613  1.00 32.06 ? 13  ILE A HB   1 
ATOM   210 H HG12 . ILE A 1 13 ? 5.334   -0.197  4.101  1.00 38.82 ? 13  ILE A HG12 1 
ATOM   211 H HG13 . ILE A 1 13 ? 4.425   1.073   4.393  1.00 38.82 ? 13  ILE A HG13 1 
ATOM   212 H HG21 . ILE A 1 13 ? 3.672   -2.330  3.819  1.00 33.38 ? 13  ILE A HG21 1 
ATOM   213 H HG22 . ILE A 1 13 ? 2.941   -2.151  2.420  1.00 33.38 ? 13  ILE A HG22 1 
ATOM   214 H HG23 . ILE A 1 13 ? 4.514   -1.945  2.527  1.00 33.38 ? 13  ILE A HG23 1 
ATOM   215 H HD11 . ILE A 1 13 ? 4.747   0.023   6.372  1.00 45.01 ? 13  ILE A HD11 1 
ATOM   216 H HD12 . ILE A 1 13 ? 3.234   -0.235  5.962  1.00 45.01 ? 13  ILE A HD12 1 
ATOM   217 H HD13 . ILE A 1 13 ? 4.319   -1.377  5.754  1.00 45.01 ? 13  ILE A HD13 1 
ATOM   218 N N    . GLY A 1 14 ? 3.270   -0.259  -0.267 1.00 20.94 ? 14  GLY A N    1 
ATOM   219 C CA   . GLY A 1 14 ? 2.498   -0.701  -1.411 1.00 21.71 ? 14  GLY A CA   1 
ATOM   220 C C    . GLY A 1 14 ? 2.443   -2.208  -1.516 1.00 25.80 ? 14  GLY A C    1 
ATOM   221 O O    . GLY A 1 14 ? 3.480   -2.863  -1.651 1.00 22.63 ? 14  GLY A O    1 
ATOM   222 H H    . GLY A 1 14 ? 4.113   -0.197  -0.420 1.00 25.23 ? 14  GLY A H    1 
ATOM   223 H HA2  . GLY A 1 14 ? 1.591   -0.366  -1.337 1.00 26.16 ? 14  GLY A HA2  1 
ATOM   224 H HA3  . GLY A 1 14 ? 2.898   -0.351  -2.223 1.00 26.16 ? 14  GLY A HA3  1 
ATOM   225 N N    . LEU A 1 15 ? 1.239   -2.774  -1.460 1.00 25.72 ? 15  LEU A N    1 
ATOM   226 C CA   . LEU A 1 15 ? 1.056   -4.216  -1.488 1.00 29.02 ? 15  LEU A CA   1 
ATOM   227 C C    . LEU A 1 15 ? -0.094  -4.568  -2.418 1.00 27.84 ? 15  LEU A C    1 
ATOM   228 O O    . LEU A 1 15 ? -1.077  -3.827  -2.510 1.00 30.51 ? 15  LEU A O    1 
ATOM   229 C CB   . LEU A 1 15 ? 0.777   -4.768  -0.084 1.00 27.60 ? 15  LEU A CB   1 
ATOM   230 C CG   . LEU A 1 15 ? 1.971   -4.780  0.872  1.00 27.80 ? 15  LEU A CG   1 
ATOM   231 C CD1  . LEU A 1 15 ? 1.496   -4.736  2.316  1.00 30.76 ? 15  LEU A CD1  1 
ATOM   232 C CD2  . LEU A 1 15 ? 2.833   -6.007  0.630  1.00 33.03 ? 15  LEU A CD2  1 
ATOM   233 H H    . LEU A 1 15 ? 0.502   -2.333  -1.407 1.00 30.96 ? 15  LEU A H    1 
ATOM   234 H HA   . LEU A 1 15 ? 1.859   -4.638  -1.832 1.00 34.92 ? 15  LEU A HA   1 
ATOM   235 H HB2  . LEU A 1 15 ? 0.085   -4.224  0.324  1.00 33.22 ? 15  LEU A HB2  1 
ATOM   236 H HB3  . LEU A 1 15 ? 0.470   -5.684  -0.174 1.00 33.22 ? 15  LEU A HB3  1 
ATOM   237 H HG   . LEU A 1 15 ? 2.514   -3.992  0.711  1.00 33.46 ? 15  LEU A HG   1 
ATOM   238 H HD11 . LEU A 1 15 ? 2.266   -4.785  2.903  1.00 37.01 ? 15  LEU A HD11 1 
ATOM   239 H HD12 . LEU A 1 15 ? 1.018   -3.905  2.466  1.00 37.01 ? 15  LEU A HD12 1 
ATOM   240 H HD13 . LEU A 1 15 ? 0.908   -5.490  2.478  1.00 37.01 ? 15  LEU A HD13 1 
ATOM   241 H HD21 . LEU A 1 15 ? 3.562   -6.013  1.270  1.00 39.73 ? 15  LEU A HD21 1 
ATOM   242 H HD22 . LEU A 1 15 ? 2.288   -6.803  0.742  1.00 39.73 ? 15  LEU A HD22 1 
ATOM   243 H HD23 . LEU A 1 15 ? 3.186   -5.972  -0.273 1.00 39.73 ? 15  LEU A HD23 1 
ATOM   244 N N    . MET A 1 16 ? 0.032   -5.701  -3.098 1.00 32.08 ? 16  MET A N    1 
ATOM   245 C CA   . MET A 1 16 ? -1.020  -6.171  -3.991 1.00 35.03 ? 16  MET A CA   1 
ATOM   246 C C    . MET A 1 16 ? -2.129  -6.856  -3.200 1.00 37.32 ? 16  MET A C    1 
ATOM   247 O O    . MET A 1 16 ? -1.881  -7.809  -2.463 1.00 37.26 ? 16  MET A O    1 
ATOM   248 C CB   . MET A 1 16 ? -0.451  -7.130  -5.038 1.00 42.02 ? 16  MET A CB   1 
ATOM   249 C CG   . MET A 1 16 ? 0.827   -6.636  -5.701 1.00 47.17 ? 16  MET A CG   1 
ATOM   250 S SD   . MET A 1 16 ? 1.141   -7.423  -7.295 1.00 73.75 ? 16  MET A SD   1 
ATOM   251 C CE   . MET A 1 16 ? 0.663   -9.116  -6.950 1.00 58.41 ? 16  MET A CE   1 
ATOM   252 H H    . MET A 1 16 ? 0.719   -6.216  -3.062 1.00 38.59 ? 16  MET A H    1 
ATOM   253 H HA   . MET A 1 16 ? -1.393  -5.410  -4.464 1.00 42.14 ? 16  MET A HA   1 
ATOM   254 H HB2  . MET A 1 16 ? -0.251  -7.978  -4.609 1.00 50.53 ? 16  MET A HB2  1 
ATOM   255 H HB3  . MET A 1 16 ? -1.114  -7.260  -5.734 1.00 50.53 ? 16  MET A HB3  1 
ATOM   256 H HG2  . MET A 1 16 ? 0.755   -5.680  -5.848 1.00 56.70 ? 16  MET A HG2  1 
ATOM   257 H HG3  . MET A 1 16 ? 1.578   -6.827  -5.119 1.00 56.70 ? 16  MET A HG3  1 
ATOM   258 H HE1  . MET A 1 16 ? 0.914   -9.674  -7.703 1.00 70.20 ? 16  MET A HE1  1 
ATOM   259 H HE2  . MET A 1 16 ? 1.118   -9.416  -6.149 1.00 70.20 ? 16  MET A HE2  1 
ATOM   260 H HE3  . MET A 1 16 ? -0.298  -9.151  -6.819 1.00 70.20 ? 16  MET A HE3  1 
HETATM 261 I I    . IOD B 2 .  ? 10.544  -5.680  3.189  0.33 89.73 ? 101 IOD A I    1 
HETATM 262 I I    . IOD C 2 .  ? 9.159   -3.223  5.242  0.33 71.77 ? 102 IOD A I    1 
HETATM 263 I I    . IOD D 2 .  ? 1.489   2.215   6.639  1.00 84.12 ? 103 IOD A I    1 
HETATM 264 O O    . HOH E 3 .  ? -3.096  4.019   8.694  1.00 50.31 ? 201 HOH A O    1 
HETATM 265 O O    . HOH E 3 .  ? 7.561   4.281   8.052  1.00 61.85 ? 202 HOH A O    1 
HETATM 266 O O    . HOH E 3 .  ? -5.097  1.040   -4.901 1.00 30.31 ? 203 HOH A O    1 
HETATM 267 O O    . HOH E 3 .  ? -8.277  -4.704  -4.081 1.00 40.16 ? 204 HOH A O    1 
HETATM 268 O O    . HOH E 3 .  ? 0.281   -9.504  -1.730 1.00 45.06 ? 205 HOH A O    1 
HETATM 269 O O    . HOH E 3 .  ? 4.089   -4.880  -3.668 1.00 36.21 ? 206 HOH A O    1 
HETATM 270 O O    . HOH E 3 .  ? 2.664   -7.240  -3.009 1.00 39.77 ? 207 HOH A O    1 
HETATM 271 O O    . HOH E 3 .  ? -2.714  1.311   7.016  1.00 41.81 ? 208 HOH A O    1 
HETATM 272 O O    . HOH E 3 .  ? -9.523  -5.636  -6.253 1.00 38.18 ? 209 HOH A O    1 
HETATM 273 O O    . HOH E 3 .  ? -11.907 -2.906  -9.897 1.00 44.32 ? 210 HOH A O    1 
HETATM 274 O O    . HOH E 3 .  ? -5.399  -11.301 -9.295 1.00 48.46 ? 211 HOH A O    1 
HETATM 275 O O    . HOH E 3 .  ? -5.185  3.313   -4.867 0.33 44.09 ? 212 HOH A O    1 
HETATM 276 O O    . HOH E 3 .  ? -7.234  0.112   -3.641 1.00 41.24 ? 213 HOH A O    1 
HETATM 277 O O    . HOH E 3 .  ? 4.188   10.321  1.673  1.00 46.82 ? 214 HOH A O    1 
HETATM 278 O O    . HOH E 3 .  ? -10.054 0.168   -7.499 1.00 48.96 ? 215 HOH A O    1 
HETATM 279 O O    . HOH E 3 .  ? -11.694 0.297   -9.816 1.00 32.37 ? 216 HOH A O    1 
# 
loop_
_atom_site_anisotrop.id 
_atom_site_anisotrop.type_symbol 
_atom_site_anisotrop.pdbx_label_atom_id 
_atom_site_anisotrop.pdbx_label_alt_id 
_atom_site_anisotrop.pdbx_label_comp_id 
_atom_site_anisotrop.pdbx_label_asym_id 
_atom_site_anisotrop.pdbx_label_seq_id 
_atom_site_anisotrop.pdbx_PDB_ins_code 
_atom_site_anisotrop.U[1][1] 
_atom_site_anisotrop.U[2][2] 
_atom_site_anisotrop.U[3][3] 
_atom_site_anisotrop.U[1][2] 
_atom_site_anisotrop.U[1][3] 
_atom_site_anisotrop.U[2][3] 
_atom_site_anisotrop.pdbx_auth_seq_id 
_atom_site_anisotrop.pdbx_auth_comp_id 
_atom_site_anisotrop.pdbx_auth_asym_id 
_atom_site_anisotrop.pdbx_auth_atom_id 
1   N N   . VAL A 1  ? 0.5659 0.3852 0.4713 -0.0824 -0.0101 0.0327  1  VAL A N   
2   C CA  . VAL A 1  ? 0.5626 0.3943 0.4774 -0.1104 -0.0047 0.0510  1  VAL A CA  
3   C C   . VAL A 1  ? 0.5945 0.4404 0.5231 -0.1433 -0.0163 0.0511  1  VAL A C   
4   O O   . VAL A 1  ? 0.5192 0.4209 0.4831 -0.1448 -0.0208 0.0515  1  VAL A O   
5   C CB  . VAL A 1  ? 0.4930 0.3890 0.4407 -0.1014 0.0118  0.0588  1  VAL A CB  
6   C CG1 . VAL A 1  ? 0.6030 0.5355 0.5650 -0.1349 0.0215  0.0750  1  VAL A CG1 
7   C CG2 . VAL A 1  ? 0.5158 0.3968 0.4413 -0.0749 0.0214  0.0565  1  VAL A CG2 
17  N N   . ORN A 2  ? 0.6060 0.4870 0.5183 -0.2366 -0.0790 0.0163  2  ORN A N   
18  C CA  . ORN A 2  ? 0.5124 0.3948 0.4413 -0.1967 -0.0610 0.0254  2  ORN A CA  
19  C CB  . ORN A 2  ? 0.5898 0.3962 0.4801 -0.1779 -0.0516 0.0102  2  ORN A CB  
20  C CG  . ORN A 2  ? 0.6315 0.3863 0.5066 -0.2044 -0.0532 0.0199  2  ORN A CG  
21  C CD  . ORN A 2  ? 0.6505 0.4454 0.5537 -0.2100 -0.0397 0.0497  2  ORN A CD  
22  N NE  . ORN A 2  ? 0.6418 0.4297 0.5401 -0.1717 -0.0261 0.0519  2  ORN A NE  
23  C C   . ORN A 2  ? 0.4799 0.4001 0.4227 -0.1704 -0.0631 0.0265  2  ORN A C   
24  O O   . ORN A 2  ? 0.4538 0.3942 0.3860 -0.1832 -0.0775 0.0220  2  ORN A O   
35  N N   . LYS A 3  ? 0.4626 0.3909 0.4249 -0.1382 -0.0500 0.0340  3  LYS A N   
36  C CA  . LYS A 3  ? 0.4152 0.3668 0.3895 -0.1169 -0.0547 0.0374  3  LYS A CA  
37  C C   . LYS A 3  ? 0.4210 0.3460 0.3779 -0.0869 -0.0400 0.0281  3  LYS A C   
38  O O   . LYS A 3  ? 0.4345 0.3318 0.3799 -0.0777 -0.0264 0.0250  3  LYS A O   
39  C CB  . LYS A 3  ? 0.4217 0.4221 0.4523 -0.1096 -0.0623 0.0563  3  LYS A CB  
40  C CG  . LYS A 3  ? 0.4272 0.4685 0.4837 -0.1359 -0.0860 0.0706  3  LYS A CG  
41  C CD  . LYS A 3  ? 0.5828 0.6634 0.6808 -0.1478 -0.0809 0.0778  3  LYS A CD  
42  C CE  . LYS A 3  ? 0.4637 0.5882 0.5832 -0.1806 -0.1071 0.0914  3  LYS A CE  
43  N NZ  . LYS A 3  ? 0.4865 0.5777 0.5532 -0.2209 -0.1104 0.0802  3  LYS A NZ  
57  N N   . LEU A 4  ? 0.4024 0.3377 0.3550 -0.0768 -0.0460 0.0273  4  LEU A N   
58  C CA  . LEU A 4  ? 0.4017 0.3243 0.3453 -0.0517 -0.0356 0.0214  4  LEU A CA  
59  C C   . LEU A 4  ? 0.3673 0.3021 0.3449 -0.0358 -0.0328 0.0312  4  LEU A C   
60  O O   . LEU A 4  ? 0.3510 0.3038 0.3574 -0.0360 -0.0479 0.0419  4  LEU A O   
61  C CB  . LEU A 4  ? 0.3863 0.3219 0.3108 -0.0556 -0.0434 0.0168  4  LEU A CB  
62  C CG  . LEU A 4  ? 0.4622 0.3944 0.3791 -0.0358 -0.0361 0.0114  4  LEU A CG  
63  C CD1 . LEU A 4  ? 0.4618 0.3723 0.3617 -0.0169 -0.0219 -0.0046 4  LEU A CD1 
64  C CD2 . LEU A 4  ? 0.4513 0.4102 0.3524 -0.0507 -0.0452 0.0117  4  LEU A CD2 
76  N N   . VAL A 5  ? 0.3631 0.2873 0.3366 -0.0218 -0.0158 0.0265  5  VAL A N   
77  C CA  . VAL A 5  ? 0.3425 0.2859 0.3448 -0.0070 -0.0072 0.0261  5  VAL A CA  
78  C C   . VAL A 5  ? 0.3658 0.2944 0.3506 0.0111  -0.0035 0.0167  5  VAL A C   
79  O O   . VAL A 5  ? 0.3713 0.2820 0.3222 0.0138  0.0030  0.0135  5  VAL A O   
80  C CB  . VAL A 5  ? 0.3731 0.3298 0.3779 -0.0148 0.0108  0.0284  5  VAL A CB  
81  C CG1 . VAL A 5  ? 0.3295 0.3209 0.3608 0.0010  0.0262  0.0193  5  VAL A CG1 
82  C CG2 . VAL A 5  ? 0.3811 0.3571 0.4058 -0.0394 0.0043  0.0383  5  VAL A CG2 
92  C C1  . MEA A 6  ? 0.3825 0.3388 0.4396 0.0339  -0.0132 0.0100  6  MEA A C1  
93  N N   . MEA A 6  ? 0.3424 0.2751 0.3508 0.0235  -0.0114 0.0123  6  MEA A N   
94  C CA  . MEA A 6  ? 0.3290 0.2449 0.3173 0.0344  -0.0101 0.0016  6  MEA A CA  
95  C C   . MEA A 6  ? 0.3253 0.2536 0.3203 0.0499  0.0089  -0.0156 6  MEA A C   
96  O O   . MEA A 6  ? 0.3492 0.2865 0.3807 0.0649  0.0076  -0.0286 6  MEA A O   
97  C CB  . MEA A 6  ? 0.3869 0.2863 0.3854 0.0330  -0.0327 0.0052  6  MEA A CB  
98  C CG  . MEA A 6  ? 0.3718 0.2721 0.3472 0.0108  -0.0462 0.0193  6  MEA A CG  
99  C CD1 . MEA A 6  ? 0.4860 0.3926 0.4752 -0.0056 -0.0655 0.0362  6  MEA A CD1 
100 C CE1 . MEA A 6  ? 0.4575 0.3770 0.4191 -0.0305 -0.0739 0.0448  6  MEA A CE1 
101 C CZ  . MEA A 6  ? 0.4266 0.3575 0.3572 -0.0329 -0.0619 0.0329  6  MEA A CZ  
102 C CE2 . MEA A 6  ? 0.4813 0.4038 0.4058 -0.0122 -0.0467 0.0187  6  MEA A CE2 
103 C CD2 . MEA A 6  ? 0.4545 0.3594 0.3958 0.0065  -0.0395 0.0135  6  MEA A CD2 
115 N N   . PHE A 7  ? 0.3388 0.2695 0.2986 0.0466  0.0247  -0.0166 7  PHE A N   
116 C CA  . PHE A 7  ? 0.3578 0.3086 0.3083 0.0528  0.0446  -0.0322 7  PHE A CA  
117 C C   . PHE A 7  ? 0.3940 0.3292 0.3301 0.0634  0.0395  -0.0519 7  PHE A C   
118 O O   . PHE A 7  ? 0.3963 0.3099 0.3068 0.0586  0.0260  -0.0456 7  PHE A O   
119 C CB  . PHE A 7  ? 0.3724 0.3251 0.2812 0.0386  0.0559  -0.0179 7  PHE A CB  
120 C CG  . PHE A 7  ? 0.3736 0.3331 0.2905 0.0215  0.0600  0.0006  7  PHE A CG  
121 C CD1 . PHE A 7  ? 0.4242 0.3517 0.3354 0.0145  0.0449  0.0151  7  PHE A CD1 
122 C CD2 . PHE A 7  ? 0.4311 0.4336 0.3604 0.0091  0.0796  0.0002  7  PHE A CD2 
123 C CE1 . PHE A 7  ? 0.3937 0.3179 0.3080 -0.0056 0.0456  0.0294  7  PHE A CE1 
124 C CE2 . PHE A 7  ? 0.4479 0.4568 0.3829 -0.0149 0.0808  0.0195  7  PHE A CE2 
125 C CZ  . PHE A 7  ? 0.3925 0.3553 0.3184 -0.0229 0.0620  0.0344  7  PHE A CZ  
135 N N   . ALA A 8  ? 0.4501 0.4003 0.4046 0.0772  0.0503  -0.0794 8  ALA A N   
136 C CA  . ALA A 8  ? 0.5438 0.4713 0.4833 0.0855  0.0442  -0.1050 8  ALA A CA  
137 C C   . ALA A 8  ? 0.6618 0.6238 0.5790 0.0884  0.0707  -0.1340 8  ALA A C   
138 O O   . ALA A 8  ? 0.6535 0.6622 0.5707 0.0824  0.0940  -0.1313 8  ALA A O   
139 C CB  . ALA A 8  ? 0.5523 0.4481 0.5376 0.1026  0.0238  -0.1185 8  ALA A CB  
145 N N   . GLY A 9  ? 0.8008 0.7426 0.6944 0.0921  0.0667  -0.1624 9  GLY A N   
146 C CA  . GLY A 9  ? 0.9743 0.9511 0.8352 0.0908  0.0913  -0.1959 9  GLY A CA  
147 C C   . GLY A 9  ? 0.9843 0.9609 0.7762 0.0674  0.0873  -0.1849 9  GLY A C   
148 O O   . GLY A 9  ? 1.0506 1.0606 0.8016 0.0583  0.1058  -0.2076 9  GLY A O   
152 N N   . ORN A 10 ? 0.8551 0.6668 0.5964 0.0153  -0.0302 -0.1861 10 ORN A N   
153 C CA  . ORN A 10 ? 0.8165 0.6792 0.5532 0.0185  -0.0166 -0.1528 10 ORN A CA  
154 C CB  . ORN A 10 ? 0.8684 0.7578 0.6023 0.0343  0.0135  -0.1648 10 ORN A CB  
155 C CG  . ORN A 10 ? 0.7832 0.7066 0.5122 0.0343  0.0233  -0.1276 10 ORN A CG  
156 C CD  . ORN A 10 ? 0.9144 0.8677 0.6395 0.0391  0.0523  -0.1366 10 ORN A CD  
157 N NE  . ORN A 10 ? 0.8749 0.8218 0.6541 0.0568  0.0621  -0.1502 10 ORN A NE  
158 C C   . ORN A 10 ? 0.7130 0.5727 0.4876 0.0208  -0.0257 -0.1191 10 ORN A C   
159 O O   . ORN A 10 ? 0.6958 0.5230 0.5039 0.0246  -0.0348 -0.1191 10 ORN A O   
170 N N   . ALA A 11 ? 0.5992 0.4944 0.3670 0.0187  -0.0255 -0.0907 11 ALA A N   
171 C CA  . ALA A 11 ? 0.5877 0.4888 0.3839 0.0199  -0.0308 -0.0666 11 ALA A CA  
172 C C   . ALA A 11 ? 0.5686 0.4593 0.3921 0.0344  -0.0167 -0.0627 11 ALA A C   
173 O O   . ALA A 11 ? 0.5178 0.4153 0.3359 0.0440  0.0013  -0.0698 11 ALA A O   
174 C CB  . ALA A 11 ? 0.5493 0.4881 0.3360 0.0223  -0.0336 -0.0479 11 ALA A CB  
180 N N   . ILE A 12 ? 0.4584 0.3406 0.3089 0.0303  -0.0260 -0.0501 12 ILE A N   
181 C CA  . ILE A 12 ? 0.4336 0.3160 0.3097 0.0389  -0.0174 -0.0408 12 ILE A CA  
182 C C   . ILE A 12 ? 0.4106 0.3129 0.2770 0.0398  -0.0117 -0.0259 12 ILE A C   
183 O O   . ILE A 12 ? 0.4346 0.3532 0.2922 0.0348  -0.0202 -0.0210 12 ILE A O   
184 C CB  . ILE A 12 ? 0.4885 0.3531 0.3924 0.0304  -0.0350 -0.0316 12 ILE A CB  
185 C CG1 . ILE A 12 ? 0.5484 0.3756 0.4587 0.0281  -0.0519 -0.0440 12 ILE A CG1 
186 C CG2 . ILE A 12 ? 0.4913 0.3604 0.4255 0.0393  -0.0285 -0.0252 12 ILE A CG2 
187 C CD1 . ILE A 12 ? 0.5333 0.3443 0.4710 0.0525  -0.0442 -0.0667 12 ILE A CD1 
199 N N   . ILE A 13 ? 0.3641 0.2664 0.2351 0.0460  0.0013  -0.0208 13 ILE A N   
200 C CA  . ILE A 13 ? 0.3714 0.2737 0.2320 0.0482  0.0030  -0.0087 13 ILE A CA  
201 C C   . ILE A 13 ? 0.3944 0.2913 0.2766 0.0422  0.0039  -0.0029 13 ILE A C   
202 O O   . ILE A 13 ? 0.3573 0.2553 0.2532 0.0389  0.0128  -0.0007 13 ILE A O   
203 C CB  . ILE A 13 ? 0.4264 0.3247 0.2610 0.0508  0.0117  -0.0017 13 ILE A CB  
204 C CG1 . ILE A 13 ? 0.5027 0.4123 0.3111 0.0531  0.0068  -0.0065 13 ILE A CG1 
205 C CG2 . ILE A 13 ? 0.4496 0.3282 0.2758 0.0542  0.0062  0.0127  13 ILE A CG2 
206 C CD1 . ILE A 13 ? 0.5783 0.4909 0.3527 0.0480  0.0144  0.0018  13 ILE A CD1 
218 N N   . GLY A 14 ? 0.3365 0.2374 0.2217 0.0382  -0.0048 -0.0027 14 GLY A N   
219 C CA  . GLY A 14 ? 0.3427 0.2415 0.2408 0.0276  -0.0068 0.0005  14 GLY A CA  
220 C C   . GLY A 14 ? 0.4052 0.2839 0.2911 0.0303  -0.0036 -0.0001 14 GLY A C   
221 O O   . GLY A 14 ? 0.3700 0.2456 0.2442 0.0420  -0.0068 -0.0087 14 GLY A O   
225 N N   . LEU A 15 ? 0.4068 0.2721 0.2984 0.0198  0.0005  0.0077  15 LEU A N   
226 C CA  . LEU A 15 ? 0.4652 0.2956 0.3416 0.0160  -0.0007 0.0097  15 LEU A CA  
227 C C   . LEU A 15 ? 0.4465 0.2766 0.3346 -0.0069 -0.0031 0.0115  15 LEU A C   
228 O O   . LEU A 15 ? 0.4620 0.3226 0.3748 -0.0178 -0.0010 0.0189  15 LEU A O   
229 C CB  . LEU A 15 ? 0.4595 0.2701 0.3193 0.0154  0.0045  0.0254  15 LEU A CB  
230 C CG  . LEU A 15 ? 0.4707 0.2747 0.3108 0.0355  0.0006  0.0272  15 LEU A CG  
231 C CD1 . LEU A 15 ? 0.5128 0.3217 0.3341 0.0260  0.0087  0.0441  15 LEU A CD1 
232 C CD2 . LEU A 15 ? 0.5551 0.3168 0.3830 0.0513  -0.0141 0.0248  15 LEU A CD2 
244 N N   . MET A 16 ? 0.5164 0.3128 0.3896 -0.0126 -0.0099 0.0022  16 MET A N   
245 C CA  . MET A 16 ? 0.5534 0.3466 0.4310 -0.0402 -0.0151 0.0020  16 MET A CA  
246 C C   . MET A 16 ? 0.5885 0.3634 0.4660 -0.0615 -0.0125 0.0216  16 MET A C   
247 O O   . MET A 16 ? 0.6119 0.3375 0.4664 -0.0606 -0.0150 0.0288  16 MET A O   
248 C CB  . MET A 16 ? 0.6596 0.4206 0.5165 -0.0405 -0.0230 -0.0234 16 MET A CB  
249 C CG  . MET A 16 ? 0.7160 0.5068 0.5695 -0.0207 -0.0211 -0.0458 16 MET A CG  
250 S SD  . MET A 16 ? 1.0601 0.8485 0.8933 -0.0311 -0.0250 -0.0846 16 MET A SD  
251 C CE  . MET A 16 ? 0.9020 0.5983 0.7191 -0.0322 -0.0343 -0.0935 16 MET A CE  
# 
loop_
_pdbx_poly_seq_scheme.asym_id 
_pdbx_poly_seq_scheme.entity_id 
_pdbx_poly_seq_scheme.seq_id 
_pdbx_poly_seq_scheme.mon_id 
_pdbx_poly_seq_scheme.ndb_seq_num 
_pdbx_poly_seq_scheme.pdb_seq_num 
_pdbx_poly_seq_scheme.auth_seq_num 
_pdbx_poly_seq_scheme.pdb_mon_id 
_pdbx_poly_seq_scheme.auth_mon_id 
_pdbx_poly_seq_scheme.pdb_strand_id 
_pdbx_poly_seq_scheme.pdb_ins_code 
_pdbx_poly_seq_scheme.hetero 
A 1 1  VAL 1  1  1  VAL VAL A . n 
A 1 2  ORN 2  2  2  ORN ORN A . n 
A 1 3  LYS 3  3  3  LYS LYS A . n 
A 1 4  LEU 4  4  4  LEU LEU A . n 
A 1 5  VAL 5  5  5  VAL VAL A . n 
A 1 6  MEA 6  6  6  MEA MEA A . n 
A 1 7  PHE 7  7  7  PHE PHE A . n 
A 1 8  ALA 8  8  8  ALA ALA A . n 
A 1 9  GLY 9  9  9  GLY GLY A . n 
A 1 10 ORN 10 10 10 ORN ORN A . n 
A 1 11 ALA 11 11 11 ALA ALA A . n 
A 1 12 ILE 12 12 12 ILE ILE A . n 
A 1 13 ILE 13 13 13 ILE ILE A . n 
A 1 14 GLY 14 14 14 GLY GLY A . n 
A 1 15 LEU 15 15 15 LEU LEU A . n 
A 1 16 MET 16 16 16 MET MET A . n 
# 
loop_
_pdbx_nonpoly_scheme.asym_id 
_pdbx_nonpoly_scheme.entity_id 
_pdbx_nonpoly_scheme.mon_id 
_pdbx_nonpoly_scheme.ndb_seq_num 
_pdbx_nonpoly_scheme.pdb_seq_num 
_pdbx_nonpoly_scheme.auth_seq_num 
_pdbx_nonpoly_scheme.pdb_mon_id 
_pdbx_nonpoly_scheme.auth_mon_id 
_pdbx_nonpoly_scheme.pdb_strand_id 
_pdbx_nonpoly_scheme.pdb_ins_code 
B 2 IOD 1  101 2  IOD IOD A . 
C 2 IOD 1  102 3  IOD IOD A . 
D 2 IOD 1  103 4  IOD IOD A . 
E 3 HOH 1  201 4  HOH HOH A . 
E 3 HOH 2  202 15 HOH HOH A . 
E 3 HOH 3  203 1  HOH HOH A . 
E 3 HOH 4  204 13 HOH HOH A . 
E 3 HOH 5  205 17 HOH HOH A . 
E 3 HOH 6  206 3  HOH HOH A . 
E 3 HOH 7  207 11 HOH HOH A . 
E 3 HOH 8  208 16 HOH HOH A . 
E 3 HOH 9  209 10 HOH HOH A . 
E 3 HOH 10 210 7  HOH HOH A . 
E 3 HOH 11 211 5  HOH HOH A . 
E 3 HOH 12 212 14 HOH HOH A . 
E 3 HOH 13 213 6  HOH HOH A . 
E 3 HOH 14 214 9  HOH HOH A . 
E 3 HOH 15 215 12 HOH HOH A . 
E 3 HOH 16 216 8  HOH HOH A . 
# 
_pdbx_struct_assembly.id                   1 
_pdbx_struct_assembly.details              author_and_software_defined_assembly 
_pdbx_struct_assembly.method_details       PISA 
_pdbx_struct_assembly.oligomeric_details   hexameric 
_pdbx_struct_assembly.oligomeric_count     6 
# 
_pdbx_struct_assembly_gen.assembly_id       1 
_pdbx_struct_assembly_gen.oper_expression   1,2,3,4,5,6 
_pdbx_struct_assembly_gen.asym_id_list      A,B,C,D,E 
# 
loop_
_pdbx_struct_assembly_prop.biol_id 
_pdbx_struct_assembly_prop.type 
_pdbx_struct_assembly_prop.value 
_pdbx_struct_assembly_prop.details 
1 'ABSA (A^2)' 4830 ? 
1 MORE         -34  ? 
1 'SSA (A^2)'  6050 ? 
# 
loop_
_pdbx_struct_oper_list.id 
_pdbx_struct_oper_list.type 
_pdbx_struct_oper_list.name 
_pdbx_struct_oper_list.symmetry_operation 
_pdbx_struct_oper_list.matrix[1][1] 
_pdbx_struct_oper_list.matrix[1][2] 
_pdbx_struct_oper_list.matrix[1][3] 
_pdbx_struct_oper_list.vector[1] 
_pdbx_struct_oper_list.matrix[2][1] 
_pdbx_struct_oper_list.matrix[2][2] 
_pdbx_struct_oper_list.matrix[2][3] 
_pdbx_struct_oper_list.vector[2] 
_pdbx_struct_oper_list.matrix[3][1] 
_pdbx_struct_oper_list.matrix[3][2] 
_pdbx_struct_oper_list.matrix[3][3] 
_pdbx_struct_oper_list.vector[3] 
1 'identity operation'         1_555  x,y,z                1.0000000000  0.0000000000  0.0000000000  0.0000000000  0.0000000000  1.0000000000  0.0000000000  0.0000000000  0.0000000000  0.0000000000  1.0000000000  0.0000000000   
2 'crystal symmetry operation' 6_456  z-1/2,-x+1/2,-y+1    0.7525593604  0.6407857716  -0.1518156910 -4.1445022060 0.1380506910  -0.3789306410 -0.9150702574 0.8300717744  -0.6438916181 0.6676864266  -0.3736287194 -12.2356295950 
3 'crystal symmetry operation' 12_565 -y+1/2,-z+1,x+1/2    0.7525593604  0.1380506910  -0.6438916181 -4.8740273912 0.6407857716  -0.3789306410 0.6676864266  11.1398414746 -0.1518156910 -0.9150702574 -0.3736287194 -4.4412090903  
4 'crystal symmetry operation' 13_456 y-1/4,x+1/4,-z+5/4   -0.9747316882 0.1146125097  0.1917344743  4.4361749578  0.1146125097  -0.4801383056 0.8696730306  14.1203364828 0.1917344743  0.8696730306  0.4548699938  -9.0253036711  
5 'crystal symmetry operation' 18_545 -x+1/4,z-1/4,y+1/4   -0.8411773405 -0.5400058827 -0.0285364401 6.2250971911  -0.5400058827 0.8360500595  0.0970254848  2.6057783569  -0.0285364401 0.0970254848  -0.9948727189 -14.6636773445 
6 'crystal symmetry operation' 24_555 -z+3/4,-y+3/4,-x+3/4 -0.6892096920 -0.3534430897 0.6325092749  9.6122762045  -0.3534430897 -0.5980504719 -0.7193146845 4.3506475922  0.6325092749  -0.7193146845 0.2872601639  -2.2919758060 
# 
loop_
_pdbx_struct_special_symmetry.id 
_pdbx_struct_special_symmetry.PDB_model_num 
_pdbx_struct_special_symmetry.auth_asym_id 
_pdbx_struct_special_symmetry.auth_comp_id 
_pdbx_struct_special_symmetry.auth_seq_id 
_pdbx_struct_special_symmetry.PDB_ins_code 
_pdbx_struct_special_symmetry.label_asym_id 
_pdbx_struct_special_symmetry.label_comp_id 
_pdbx_struct_special_symmetry.label_seq_id 
1 1 A IOD 101 ? B IOD . 
2 1 A IOD 102 ? C IOD . 
3 1 A HOH 212 ? E HOH . 
# 
loop_
_pdbx_audit_revision_history.ordinal 
_pdbx_audit_revision_history.data_content_type 
_pdbx_audit_revision_history.major_revision 
_pdbx_audit_revision_history.minor_revision 
_pdbx_audit_revision_history.revision_date 
1 'Structure model' 1 0 2021-09-08 
2 'Structure model' 1 1 2022-03-16 
3 'Structure model' 1 2 2022-03-30 
# 
_pdbx_audit_revision_details.ordinal             1 
_pdbx_audit_revision_details.revision_ordinal    1 
_pdbx_audit_revision_details.data_content_type   'Structure model' 
_pdbx_audit_revision_details.provider            repository 
_pdbx_audit_revision_details.type                'Initial release' 
_pdbx_audit_revision_details.description         ? 
_pdbx_audit_revision_details.details             ? 
# 
loop_
_pdbx_audit_revision_group.ordinal 
_pdbx_audit_revision_group.revision_ordinal 
_pdbx_audit_revision_group.data_content_type 
_pdbx_audit_revision_group.group 
1 2 'Structure model' 'Database references' 
2 3 'Structure model' 'Database references' 
# 
loop_
_pdbx_audit_revision_category.ordinal 
_pdbx_audit_revision_category.revision_ordinal 
_pdbx_audit_revision_category.data_content_type 
_pdbx_audit_revision_category.category 
1 2 'Structure model' citation        
2 2 'Structure model' citation_author 
3 3 'Structure model' citation        
4 3 'Structure model' citation_author 
# 
loop_
_pdbx_audit_revision_item.ordinal 
_pdbx_audit_revision_item.revision_ordinal 
_pdbx_audit_revision_item.data_content_type 
_pdbx_audit_revision_item.item 
1  2 'Structure model' '_citation.country'                 
2  2 'Structure model' '_citation.journal_abbrev'          
3  2 'Structure model' '_citation.journal_id_ASTM'         
4  2 'Structure model' '_citation.journal_id_CSD'          
5  2 'Structure model' '_citation.journal_id_ISSN'         
6  2 'Structure model' '_citation.pdbx_database_id_DOI'    
7  2 'Structure model' '_citation.pdbx_database_id_PubMed' 
8  2 'Structure model' '_citation.title'                   
9  2 'Structure model' '_citation.year'                    
10 3 'Structure model' '_citation.journal_volume'          
11 3 'Structure model' '_citation.page_first'              
12 3 'Structure model' '_citation.page_last'               
13 3 'Structure model' '_citation.title'                   
14 3 'Structure model' '_citation_author.identifier_ORCID' 
# 
_pdbx_refine_tls.id               1 
_pdbx_refine_tls.pdbx_refine_id   'X-RAY DIFFRACTION' 
_pdbx_refine_tls.details          ? 
_pdbx_refine_tls.method           refined 
_pdbx_refine_tls.origin_x         -0.3593 
_pdbx_refine_tls.origin_y         -0.6109 
_pdbx_refine_tls.origin_z         -0.5108 
_pdbx_refine_tls.T[1][1]          0.3052 
_pdbx_refine_tls.T[1][1]_esd      ? 
_pdbx_refine_tls.T[1][2]          0.0209 
_pdbx_refine_tls.T[1][2]_esd      ? 
_pdbx_refine_tls.T[1][3]          0.0096 
_pdbx_refine_tls.T[1][3]_esd      ? 
_pdbx_refine_tls.T[2][2]          0.2117 
_pdbx_refine_tls.T[2][2]_esd      ? 
_pdbx_refine_tls.T[2][3]          0.0101 
_pdbx_refine_tls.T[2][3]_esd      ? 
_pdbx_refine_tls.T[3][3]          0.2429 
_pdbx_refine_tls.T[3][3]_esd      ? 
_pdbx_refine_tls.L[1][1]          8.5209 
_pdbx_refine_tls.L[1][1]_esd      ? 
_pdbx_refine_tls.L[1][2]          3.1951 
_pdbx_refine_tls.L[1][2]_esd      ? 
_pdbx_refine_tls.L[1][3]          3.0406 
_pdbx_refine_tls.L[1][3]_esd      ? 
_pdbx_refine_tls.L[2][2]          4.5702 
_pdbx_refine_tls.L[2][2]_esd      ? 
_pdbx_refine_tls.L[2][3]          0.5637 
_pdbx_refine_tls.L[2][3]_esd      ? 
_pdbx_refine_tls.L[3][3]          8.8554 
_pdbx_refine_tls.L[3][3]_esd      ? 
_pdbx_refine_tls.S[1][1]          -0.1225 
_pdbx_refine_tls.S[1][1]_esd      ? 
_pdbx_refine_tls.S[1][2]          -0.3006 
_pdbx_refine_tls.S[1][2]_esd      ? 
_pdbx_refine_tls.S[1][3]          0.1655 
_pdbx_refine_tls.S[1][3]_esd      ? 
_pdbx_refine_tls.S[2][1]          0.1908 
_pdbx_refine_tls.S[2][1]_esd      ? 
_pdbx_refine_tls.S[2][2]          0.1960 
_pdbx_refine_tls.S[2][2]_esd      ? 
_pdbx_refine_tls.S[2][3]          0.5559 
_pdbx_refine_tls.S[2][3]_esd      ? 
_pdbx_refine_tls.S[3][1]          0.2806 
_pdbx_refine_tls.S[3][1]_esd      ? 
_pdbx_refine_tls.S[3][2]          -0.3459 
_pdbx_refine_tls.S[3][2]_esd      ? 
_pdbx_refine_tls.S[3][3]          0.0162 
_pdbx_refine_tls.S[3][3]_esd      ? 
# 
_pdbx_refine_tls_group.id                  1 
_pdbx_refine_tls_group.pdbx_refine_id      'X-RAY DIFFRACTION' 
_pdbx_refine_tls_group.refine_tls_id       1 
_pdbx_refine_tls_group.beg_label_asym_id   ? 
_pdbx_refine_tls_group.beg_label_seq_id    ? 
_pdbx_refine_tls_group.beg_auth_asym_id    A 
_pdbx_refine_tls_group.beg_auth_seq_id     1 
_pdbx_refine_tls_group.beg_PDB_ins_code    ? 
_pdbx_refine_tls_group.end_label_asym_id   ? 
_pdbx_refine_tls_group.end_label_seq_id    ? 
_pdbx_refine_tls_group.end_auth_asym_id    A 
_pdbx_refine_tls_group.end_auth_seq_id     16 
_pdbx_refine_tls_group.end_PDB_ins_code    ? 
_pdbx_refine_tls_group.selection           ? 
_pdbx_refine_tls_group.selection_details   
;chain 'A' and (resid 1 through 16 )
;
# 
loop_
_software.citation_id 
_software.classification 
_software.compiler_name 
_software.compiler_version 
_software.contact_author 
_software.contact_author_email 
_software.date 
_software.description 
_software.dependencies 
_software.hardware 
_software.language 
_software.location 
_software.mods 
_software.name 
_software.os 
_software.os_version 
_software.type 
_software.version 
_software.pdbx_ordinal 
? refinement        ? ? ? ? ? ? ? ? ? ? ? PHENIX      ? ? ? dev_3908 1 
? 'data extraction' ? ? ? ? ? ? ? ? ? ? ? PDB_EXTRACT ? ? ? 3.25     2 
? 'data reduction'  ? ? ? ? ? ? ? ? ? ? ? XDS         ? ? ? .        3 
? 'data scaling'    ? ? ? ? ? ? ? ? ? ? ? Aimless     ? ? ? .        4 
? phasing           ? ? ? ? ? ? ? ? ? ? ? PHENIX      ? ? ? .        5 
# 
_pdbx_entry_details.entry_id                 7JQR 
_pdbx_entry_details.has_ligand_of_interest   N 
_pdbx_entry_details.compound_details         ? 
_pdbx_entry_details.source_details           ? 
_pdbx_entry_details.nonpolymer_details       ? 
_pdbx_entry_details.sequence_details         ? 
# 
_pdbx_audit_support.funding_organization   
'National Institutes of Health/National Institute of General Medical Sciences (NIH/NIGMS)' 
_pdbx_audit_support.country                'United States' 
_pdbx_audit_support.grant_number           GM097562 
_pdbx_audit_support.ordinal                1 
# 
loop_
_pdbx_entity_nonpoly.entity_id 
_pdbx_entity_nonpoly.name 
_pdbx_entity_nonpoly.comp_id 
2 'IODIDE ION' IOD 
3 water        HOH 
# 
_pdbx_struct_assembly_auth_evidence.id                     1 
_pdbx_struct_assembly_auth_evidence.assembly_id            1 
_pdbx_struct_assembly_auth_evidence.experimental_support   none 
_pdbx_struct_assembly_auth_evidence.details                ? 
# 
